data_4EM4
#
_entry.id   4EM4
#
_cell.length_a   76.144
_cell.length_b   64.909
_cell.length_c   94.442
_cell.angle_alpha   90.00
_cell.angle_beta   104.62
_cell.angle_gamma   90.00
#
_symmetry.space_group_name_H-M   'P 1 21 1'
#
loop_
_entity.id
_entity.type
_entity.pdbx_description
1 polymer 'Coenzyme A disulfide reductase'
2 non-polymer 'FLAVIN-ADENINE DINUCLEOTIDE'
3 non-polymer 'MAGNESIUM ION'
4 non-polymer 'CHLORIDE ION'
5 non-polymer '[[(2R,3S,4R,5R)-5-(6-aminopurin-9-yl)-4-oxidanyl-3-phosphonooxy-oxolan-2-yl]methoxy-oxidanyl-phosphoryl] [(3R)-2,2-dimethyl-3-oxidanyl-4-oxidanylidene-4-[[3-oxidanylidene-3-[4-(phenylsulfonyl)butylamino]propyl]amino]butyl] hydrogen phosphate'
6 water water
#
_entity_poly.entity_id   1
_entity_poly.type   'polypeptide(L)'
_entity_poly.pdbx_seq_one_letter_code
;PKIVVVGAVAGGATCASQIRRLDKESDIIIFEKDRDMSFANCALPYVIGEVVEDRRYALAYTPEKFYDRKQITVKTYHEV
IAINDERQTVSVLNRKTNEQFEESYDKLILSPGASANSLGFESDITFTLRNLEDTDAIDQFIKANQVDKVLVVGAGYVSL
EVLENLYERGLHPTLIHRSDKINKLMDADMNQPILDELDKREIPYRLNEEINAINGNEITFKSGKVEHYDMIIEGVGTHP
NSKFIESSNIKLDRKGFIPVNDKFETNVPNIYAIGDIATSHYRHVDLPASVPLAWGAHRAASIVAEQIAGNDTIEFKGFL
GNNIVKFFDYTFASVGVKPNELKQFDYKMVEVTQGAHANYYPGNSPLHLRVYYDTSNRQILRAAAVGKEGADKRIDVLSM
AMMNQLTVDELTEFEVAYAPPYSHPKDLINMIGYKAK
;
_entity_poly.pdbx_strand_id   A,B
#
# COMPACT_ATOMS: atom_id res chain seq x y z
N PRO A 1 21.39 -6.45 33.84
CA PRO A 1 21.27 -5.30 34.75
C PRO A 1 19.87 -5.24 35.30
N LYS A 2 19.71 -4.61 36.46
CA LYS A 2 18.38 -4.34 36.97
C LYS A 2 17.84 -3.16 36.17
N ILE A 3 16.68 -3.39 35.58
CA ILE A 3 16.04 -2.46 34.67
C ILE A 3 14.77 -1.92 35.32
N VAL A 4 14.65 -0.61 35.41
CA VAL A 4 13.42 0.00 35.88
C VAL A 4 12.80 0.78 34.72
N VAL A 5 11.51 0.56 34.47
CA VAL A 5 10.81 1.23 33.38
C VAL A 5 9.73 2.10 33.97
N VAL A 6 9.58 3.32 33.47
CA VAL A 6 8.51 4.18 33.94
C VAL A 6 7.42 4.34 32.89
N GLY A 7 6.24 3.77 33.15
CA GLY A 7 5.17 3.75 32.17
C GLY A 7 5.03 2.36 31.59
N ALA A 8 3.81 1.83 31.62
CA ALA A 8 3.61 0.43 31.26
C ALA A 8 2.75 0.25 30.01
N VAL A 9 2.91 1.12 29.01
CA VAL A 9 2.07 1.02 27.83
C VAL A 9 2.89 0.93 26.53
N ALA A 10 2.67 1.86 25.58
CA ALA A 10 3.20 1.65 24.23
C ALA A 10 4.73 1.52 24.20
N GLY A 11 5.42 2.48 24.81
CA GLY A 11 6.87 2.40 24.88
C GLY A 11 7.34 1.44 25.97
N GLY A 12 6.77 1.58 27.16
CA GLY A 12 7.30 0.93 28.35
C GLY A 12 7.12 -0.57 28.39
N ALA A 13 5.89 -1.03 28.18
CA ALA A 13 5.62 -2.45 28.22
C ALA A 13 6.34 -3.12 27.07
N THR A 14 6.24 -2.50 25.89
CA THR A 14 6.92 -3.02 24.71
C THR A 14 8.44 -3.15 24.96
N CYS A 15 9.06 -2.09 25.47
CA CYS A 15 10.50 -2.13 25.69
C CYS A 15 10.89 -3.24 26.66
N ALA A 16 10.12 -3.36 27.74
CA ALA A 16 10.40 -4.39 28.74
C ALA A 16 10.33 -5.76 28.11
N SER A 17 9.27 -5.97 27.34
CA SER A 17 9.07 -7.23 26.65
C SER A 17 10.23 -7.52 25.69
N GLN A 18 10.66 -6.50 24.96
CA GLN A 18 11.74 -6.71 23.98
C GLN A 18 13.08 -7.04 24.64
N ILE A 19 13.36 -6.40 25.78
CA ILE A 19 14.55 -6.73 26.58
C ILE A 19 14.51 -8.19 27.05
N ARG A 20 13.35 -8.63 27.54
CA ARG A 20 13.19 -10.01 28.01
C ARG A 20 13.44 -11.04 26.91
N ARG A 21 13.04 -10.72 25.68
CA ARG A 21 13.33 -11.60 24.53
C ARG A 21 14.81 -11.90 24.43
N LEU A 22 15.63 -10.87 24.67
CA LEU A 22 17.08 -10.97 24.54
C LEU A 22 17.76 -11.40 25.82
N ASP A 23 17.09 -11.20 26.95
CA ASP A 23 17.76 -11.32 28.25
C ASP A 23 16.82 -11.95 29.25
N LYS A 24 17.12 -13.18 29.66
CA LYS A 24 16.22 -13.90 30.56
C LYS A 24 16.62 -13.71 32.01
N GLU A 25 17.79 -13.11 32.23
CA GLU A 25 18.39 -13.12 33.54
C GLU A 25 18.08 -11.87 34.34
N SER A 26 18.04 -10.74 33.64
CA SER A 26 17.90 -9.46 34.32
C SER A 26 16.53 -9.31 34.98
N ASP A 27 16.52 -8.64 36.12
CA ASP A 27 15.26 -8.28 36.74
C ASP A 27 14.72 -7.00 36.13
N ILE A 28 13.46 -7.04 35.76
CA ILE A 28 12.82 -5.90 35.14
C ILE A 28 11.57 -5.53 35.91
N ILE A 29 11.50 -4.28 36.36
CA ILE A 29 10.28 -3.82 37.02
C ILE A 29 9.71 -2.59 36.31
N ILE A 30 8.40 -2.62 36.09
CA ILE A 30 7.71 -1.47 35.50
C ILE A 30 6.78 -0.83 36.51
N PHE A 31 6.85 0.50 36.59
CA PHE A 31 5.91 1.24 37.42
C PHE A 31 4.92 2.00 36.56
N GLU A 32 3.65 1.87 36.92
CA GLU A 32 2.57 2.56 36.21
C GLU A 32 1.63 3.23 37.20
N LYS A 33 1.41 4.53 37.00
CA LYS A 33 0.69 5.30 37.99
C LYS A 33 -0.81 5.02 38.04
N ASP A 34 -1.37 4.56 36.92
CA ASP A 34 -2.80 4.31 36.84
C ASP A 34 -3.10 2.82 36.92
N ARG A 35 -4.34 2.47 36.63
CA ARG A 35 -4.85 1.13 36.87
C ARG A 35 -4.37 0.06 35.90
N ASP A 36 -4.24 0.41 34.63
CA ASP A 36 -4.08 -0.59 33.59
C ASP A 36 -2.72 -0.51 32.91
N MET A 37 -2.15 -1.67 32.62
CA MET A 37 -0.98 -1.70 31.75
C MET A 37 -1.43 -2.15 30.38
N SER A 38 -0.61 -1.84 29.38
CA SER A 38 -0.82 -2.30 28.01
C SER A 38 -2.24 -2.15 27.52
N PHE A 39 -2.87 -1.01 27.76
CA PHE A 39 -4.17 -0.81 27.14
C PHE A 39 -3.96 -0.36 25.71
N ALA A 40 -4.97 -0.57 24.89
CA ALA A 40 -4.85 -0.25 23.48
C ALA A 40 -5.31 1.18 23.27
N ASN A 41 -4.36 2.12 23.43
CA ASN A 41 -4.66 3.55 23.33
C ASN A 41 -5.45 3.82 22.08
N CYS A 42 -5.00 3.22 21.00
CA CYS A 42 -5.53 3.52 19.70
C CYS A 42 -6.96 3.04 19.54
N ALA A 43 -7.36 2.08 20.38
CA ALA A 43 -8.66 1.43 20.27
C ALA A 43 -9.75 2.20 21.01
N LEU A 44 -9.33 3.07 21.93
CA LEU A 44 -10.27 3.74 22.84
C LEU A 44 -11.44 4.49 22.18
N PRO A 45 -11.20 5.21 21.07
CA PRO A 45 -12.36 5.83 20.42
C PRO A 45 -13.36 4.79 19.93
N TYR A 46 -12.84 3.63 19.50
CA TYR A 46 -13.71 2.59 18.95
C TYR A 46 -14.44 1.82 20.05
N VAL A 47 -13.88 1.87 21.25
CA VAL A 47 -14.58 1.34 22.42
C VAL A 47 -15.79 2.21 22.76
N ILE A 48 -15.56 3.52 22.76
CA ILE A 48 -16.65 4.45 22.98
C ILE A 48 -17.74 4.32 21.91
N GLY A 49 -17.34 3.96 20.70
CA GLY A 49 -18.27 3.84 19.58
C GLY A 49 -18.97 2.50 19.56
N GLU A 50 -18.54 1.60 20.42
CA GLU A 50 -19.09 0.25 20.54
C GLU A 50 -18.81 -0.58 19.30
N VAL A 51 -17.78 -0.17 18.58
CA VAL A 51 -17.25 -0.89 17.46
C VAL A 51 -16.38 -2.02 18.02
N VAL A 52 -15.88 -1.78 19.22
CA VAL A 52 -15.21 -2.81 20.00
C VAL A 52 -16.01 -3.07 21.28
N GLU A 53 -16.56 -4.26 21.44
CA GLU A 53 -17.37 -4.49 22.65
C GLU A 53 -16.70 -5.42 23.64
N ASP A 54 -15.74 -6.20 23.15
CA ASP A 54 -14.94 -7.13 23.95
C ASP A 54 -13.70 -6.38 24.49
N ARG A 55 -13.62 -6.21 25.80
CA ARG A 55 -12.53 -5.43 26.40
C ARG A 55 -11.15 -6.08 26.29
N ARG A 56 -11.12 -7.37 25.96
CA ARG A 56 -9.84 -8.05 25.75
C ARG A 56 -9.16 -7.34 24.60
N TYR A 57 -9.95 -6.74 23.73
CA TYR A 57 -9.40 -6.01 22.62
C TYR A 57 -8.75 -4.73 23.12
N ALA A 58 -9.27 -4.18 24.20
CA ALA A 58 -8.73 -2.89 24.66
C ALA A 58 -7.73 -3.02 25.81
N LEU A 59 -7.47 -4.25 26.24
CA LEU A 59 -6.50 -4.48 27.31
C LEU A 59 -5.74 -5.73 26.94
N ALA A 60 -4.42 -5.60 26.81
CA ALA A 60 -3.63 -6.63 26.17
C ALA A 60 -2.86 -7.46 27.19
N TYR A 61 -2.79 -6.97 28.41
CA TYR A 61 -2.11 -7.68 29.49
C TYR A 61 -2.58 -7.19 30.83
N THR A 62 -2.36 -8.04 31.84
CA THR A 62 -2.50 -7.66 33.22
C THR A 62 -1.13 -7.92 33.79
N PRO A 63 -0.84 -7.30 34.95
CA PRO A 63 0.47 -7.56 35.56
C PRO A 63 0.64 -9.03 35.87
N GLU A 64 -0.44 -9.69 36.28
CA GLU A 64 -0.34 -11.10 36.65
C GLU A 64 0.10 -11.92 35.42
N LYS A 65 -0.42 -11.59 34.24
CA LYS A 65 -0.05 -12.37 33.06
C LYS A 65 1.33 -12.00 32.52
N PHE A 66 1.73 -10.75 32.70
CA PHE A 66 3.05 -10.34 32.25
C PHE A 66 4.10 -11.09 33.04
N TYR A 67 3.80 -11.30 34.31
CA TYR A 67 4.76 -11.99 35.14
C TYR A 67 4.83 -13.48 34.81
N ASP A 68 3.68 -14.09 34.61
CA ASP A 68 3.65 -15.51 34.28
C ASP A 68 4.27 -15.78 32.91
N ARG A 69 3.99 -14.91 31.96
CA ARG A 69 4.49 -15.13 30.60
C ARG A 69 5.90 -14.59 30.38
N LYS A 70 6.22 -13.45 30.99
CA LYS A 70 7.48 -12.77 30.69
C LYS A 70 8.41 -12.59 31.90
N GLN A 71 7.92 -12.96 33.10
CA GLN A 71 8.71 -12.80 34.32
C GLN A 71 9.17 -11.36 34.50
N ILE A 72 8.25 -10.43 34.21
CA ILE A 72 8.50 -9.02 34.39
C ILE A 72 7.53 -8.52 35.42
N THR A 73 8.03 -7.75 36.38
CA THR A 73 7.17 -7.26 37.44
C THR A 73 6.56 -5.91 37.10
N VAL A 74 5.23 -5.84 37.10
CA VAL A 74 4.57 -4.58 36.85
C VAL A 74 3.75 -4.17 38.07
N LYS A 75 3.99 -2.95 38.53
CA LYS A 75 3.29 -2.40 39.69
C LYS A 75 2.41 -1.23 39.27
N THR A 76 1.11 -1.49 39.20
CA THR A 76 0.15 -0.45 38.86
C THR A 76 -0.21 0.36 40.08
N TYR A 77 -0.89 1.49 39.83
CA TYR A 77 -1.13 2.49 40.86
C TYR A 77 0.14 2.80 41.63
N HIS A 78 1.26 2.79 40.94
CA HIS A 78 2.54 3.20 41.52
C HIS A 78 3.10 4.32 40.68
N GLU A 79 3.19 5.51 41.27
CA GLU A 79 3.60 6.67 40.52
C GLU A 79 5.04 7.04 40.85
N VAL A 80 5.88 7.13 39.82
CA VAL A 80 7.24 7.60 40.04
C VAL A 80 7.21 9.12 40.23
N ILE A 81 7.71 9.61 41.37
CA ILE A 81 7.58 11.03 41.74
C ILE A 81 8.90 11.78 41.74
N ALA A 82 10.01 11.05 41.69
CA ALA A 82 11.32 11.66 41.51
C ALA A 82 12.31 10.67 40.95
N ILE A 83 13.28 11.23 40.21
CA ILE A 83 14.44 10.48 39.78
C ILE A 83 15.65 10.98 40.55
N ASN A 84 16.24 10.10 41.36
CA ASN A 84 17.42 10.43 42.13
C ASN A 84 18.62 9.89 41.36
N ASP A 85 18.96 10.60 40.28
CA ASP A 85 19.84 10.02 39.26
C ASP A 85 21.27 9.79 39.76
N GLU A 86 21.70 10.57 40.73
CA GLU A 86 23.05 10.37 41.22
C GLU A 86 23.22 9.08 42.02
N ARG A 87 22.17 8.63 42.69
CA ARG A 87 22.27 7.34 43.39
C ARG A 87 21.65 6.20 42.61
N GLN A 88 21.19 6.50 41.40
CA GLN A 88 20.49 5.52 40.58
C GLN A 88 19.34 4.86 41.31
N THR A 89 18.47 5.69 41.87
CA THR A 89 17.19 5.21 42.35
C THR A 89 16.09 6.10 41.85
N VAL A 90 14.88 5.54 41.81
CA VAL A 90 13.71 6.37 41.67
C VAL A 90 12.85 6.26 42.94
N SER A 91 12.20 7.38 43.26
CA SER A 91 11.26 7.44 44.36
C SER A 91 9.86 7.17 43.81
N VAL A 92 9.16 6.24 44.44
CA VAL A 92 7.89 5.76 43.94
C VAL A 92 6.82 5.92 45.00
N LEU A 93 5.67 6.44 44.60
CA LEU A 93 4.56 6.58 45.53
C LEU A 93 3.56 5.46 45.28
N ASN A 94 3.35 4.61 46.29
CA ASN A 94 2.28 3.63 46.22
C ASN A 94 0.98 4.39 46.43
N ARG A 95 0.17 4.53 45.38
CA ARG A 95 -1.02 5.37 45.47
CA ARG A 95 -1.03 5.37 45.46
C ARG A 95 -2.13 4.80 46.35
N LYS A 96 -2.09 3.49 46.57
CA LYS A 96 -3.13 2.88 47.41
C LYS A 96 -2.86 3.11 48.88
N THR A 97 -1.59 3.10 49.26
CA THR A 97 -1.24 3.26 50.67
C THR A 97 -0.72 4.63 50.96
N ASN A 98 -0.31 5.32 49.90
CA ASN A 98 0.18 6.68 50.02
C ASN A 98 1.54 6.71 50.73
N GLU A 99 2.22 5.58 50.65
CA GLU A 99 3.60 5.47 51.11
C GLU A 99 4.57 5.43 49.94
N GLN A 100 5.70 6.12 50.12
CA GLN A 100 6.69 6.16 49.07
C GLN A 100 7.91 5.32 49.43
N PHE A 101 8.70 4.97 48.42
CA PHE A 101 9.91 4.18 48.63
C PHE A 101 10.85 4.35 47.43
N GLU A 102 12.11 3.93 47.60
CA GLU A 102 13.09 4.02 46.52
C GLU A 102 13.31 2.68 45.83
N GLU A 103 13.38 2.72 44.50
CA GLU A 103 13.71 1.53 43.75
C GLU A 103 14.98 1.78 42.98
N SER A 104 15.91 0.85 43.15
CA SER A 104 17.22 1.04 42.57
CA SER A 104 17.24 0.92 42.59
C SER A 104 17.23 0.54 41.14
N TYR A 105 18.18 1.07 40.36
CA TYR A 105 18.31 0.65 38.96
C TYR A 105 19.75 0.68 38.45
N ASP A 106 20.03 -0.22 37.50
CA ASP A 106 21.25 -0.15 36.69
C ASP A 106 20.96 0.60 35.40
N LYS A 107 19.73 0.45 34.91
CA LYS A 107 19.27 1.18 33.73
C LYS A 107 17.83 1.64 33.97
N LEU A 108 17.55 2.89 33.60
CA LEU A 108 16.22 3.47 33.75
C LEU A 108 15.66 3.84 32.36
N ILE A 109 14.43 3.42 32.08
CA ILE A 109 13.80 3.72 30.80
C ILE A 109 12.52 4.50 31.02
N LEU A 110 12.47 5.72 30.50
CA LEU A 110 11.34 6.57 30.77
C LEU A 110 10.43 6.54 29.56
N SER A 111 9.23 6.00 29.75
CA SER A 111 8.20 6.11 28.72
C SER A 111 6.87 6.60 29.32
N PRO A 112 6.88 7.80 29.94
CA PRO A 112 5.69 8.26 30.65
C PRO A 112 4.69 8.96 29.74
N GLY A 113 5.06 9.21 28.48
CA GLY A 113 4.10 9.75 27.53
C GLY A 113 3.56 11.12 27.90
N ALA A 114 2.29 11.35 27.56
CA ALA A 114 1.70 12.67 27.71
C ALA A 114 0.32 12.56 28.32
N SER A 115 -0.15 13.64 28.94
CA SER A 115 -1.48 13.67 29.48
C SER A 115 -2.35 14.65 28.69
N ALA A 116 -3.66 14.45 28.74
CA ALA A 116 -4.58 15.36 28.08
C ALA A 116 -4.60 16.71 28.80
N ASN A 117 -4.56 17.79 28.02
CA ASN A 117 -4.81 19.11 28.59
C ASN A 117 -6.28 19.25 28.90
N SER A 118 -6.61 20.19 29.77
CA SER A 118 -8.01 20.47 30.07
C SER A 118 -8.24 21.97 29.92
N LEU A 119 -9.48 22.37 29.56
CA LEU A 119 -9.80 23.80 29.52
C LEU A 119 -9.94 24.37 30.92
N GLY A 120 -10.05 23.49 31.91
CA GLY A 120 -10.05 23.90 33.30
C GLY A 120 -11.37 24.42 33.85
N PHE A 121 -12.50 24.18 33.16
CA PHE A 121 -13.79 24.55 33.73
C PHE A 121 -14.16 23.65 34.89
N GLU A 122 -14.89 24.17 35.86
CA GLU A 122 -15.42 23.27 36.85
C GLU A 122 -16.67 22.67 36.21
N SER A 123 -16.63 21.38 35.91
CA SER A 123 -17.76 20.76 35.27
C SER A 123 -17.78 19.27 35.36
N ASP A 124 -18.93 18.75 35.79
CA ASP A 124 -19.10 17.33 35.93
C ASP A 124 -19.52 16.65 34.64
N ILE A 125 -19.62 17.40 33.54
CA ILE A 125 -20.07 16.77 32.30
C ILE A 125 -18.95 16.71 31.26
N THR A 126 -17.77 17.16 31.65
CA THR A 126 -16.62 17.26 30.75
C THR A 126 -15.60 16.14 30.95
N PHE A 127 -15.12 15.56 29.85
CA PHE A 127 -14.20 14.42 29.92
C PHE A 127 -13.06 14.55 28.95
N THR A 128 -11.92 13.99 29.32
CA THR A 128 -10.81 13.86 28.39
C THR A 128 -10.56 12.38 28.13
N LEU A 129 -9.80 12.08 27.09
CA LEU A 129 -9.61 10.69 26.69
C LEU A 129 -8.13 10.38 26.48
N ARG A 130 -7.58 9.55 27.36
CA ARG A 130 -6.17 9.19 27.28
C ARG A 130 -5.93 7.73 27.70
N ASN A 131 -6.80 7.19 28.55
CA ASN A 131 -6.64 5.78 28.90
C ASN A 131 -7.94 5.02 29.07
N LEU A 132 -7.81 3.78 29.52
CA LEU A 132 -8.98 2.92 29.64
C LEU A 132 -9.86 3.37 30.82
N GLU A 133 -9.25 3.88 31.89
CA GLU A 133 -10.04 4.49 32.96
C GLU A 133 -10.96 5.59 32.39
N ASP A 134 -10.41 6.39 31.49
CA ASP A 134 -11.17 7.51 30.92
C ASP A 134 -12.29 6.97 30.07
N THR A 135 -11.99 5.91 29.36
CA THR A 135 -12.94 5.30 28.45
C THR A 135 -14.12 4.70 29.22
N ASP A 136 -13.82 4.05 30.34
CA ASP A 136 -14.87 3.47 31.16
C ASP A 136 -15.79 4.57 31.71
N ALA A 137 -15.17 5.65 32.17
CA ALA A 137 -15.90 6.76 32.78
C ALA A 137 -16.84 7.44 31.79
N ILE A 138 -16.37 7.57 30.56
CA ILE A 138 -17.15 8.17 29.47
C ILE A 138 -18.34 7.28 29.15
N ASP A 139 -18.06 5.99 28.96
CA ASP A 139 -19.09 5.02 28.64
C ASP A 139 -20.14 4.96 29.75
N GLN A 140 -19.67 4.99 30.99
CA GLN A 140 -20.55 4.94 32.16
C GLN A 140 -21.44 6.20 32.24
N PHE A 141 -20.84 7.36 31.96
CA PHE A 141 -21.57 8.62 31.99
C PHE A 141 -22.63 8.69 30.88
N ILE A 142 -22.32 8.16 29.71
CA ILE A 142 -23.28 8.14 28.61
C ILE A 142 -24.52 7.35 29.02
N LYS A 143 -24.29 6.20 29.64
CA LYS A 143 -25.38 5.34 30.05
C LYS A 143 -26.16 5.93 31.18
N ALA A 144 -25.46 6.41 32.20
CA ALA A 144 -26.13 6.90 33.40
C ALA A 144 -26.99 8.13 33.09
N ASN A 145 -26.61 8.87 32.06
CA ASN A 145 -27.30 10.12 31.80
C ASN A 145 -28.09 10.12 30.49
N GLN A 146 -28.10 8.98 29.80
CA GLN A 146 -28.73 8.85 28.49
C GLN A 146 -28.36 10.00 27.57
N VAL A 147 -27.06 10.17 27.44
CA VAL A 147 -26.49 11.26 26.69
C VAL A 147 -26.90 11.18 25.24
N ASP A 148 -27.37 12.32 24.73
CA ASP A 148 -27.66 12.45 23.32
C ASP A 148 -26.76 13.52 22.69
N LYS A 149 -26.94 14.77 23.09
CA LYS A 149 -26.12 15.84 22.54
C LYS A 149 -24.75 15.91 23.21
N VAL A 150 -23.71 15.82 22.40
CA VAL A 150 -22.36 15.86 22.92
C VAL A 150 -21.56 16.92 22.20
N LEU A 151 -20.80 17.69 22.95
CA LEU A 151 -19.92 18.67 22.34
C LEU A 151 -18.52 18.10 22.27
N VAL A 152 -17.98 18.02 21.06
CA VAL A 152 -16.63 17.54 20.91
C VAL A 152 -15.75 18.75 20.65
N VAL A 153 -14.83 19.00 21.56
CA VAL A 153 -13.95 20.15 21.46
C VAL A 153 -12.60 19.72 20.91
N GLY A 154 -12.20 20.32 19.79
CA GLY A 154 -10.91 20.02 19.22
C GLY A 154 -11.06 19.22 17.95
N ALA A 155 -10.17 19.46 17.00
CA ALA A 155 -10.34 18.83 15.71
C ALA A 155 -9.09 18.09 15.23
N GLY A 156 -8.26 17.65 16.18
CA GLY A 156 -7.20 16.71 15.85
C GLY A 156 -7.75 15.34 15.53
N TYR A 157 -6.86 14.44 15.09
CA TYR A 157 -7.32 13.15 14.61
C TYR A 157 -8.08 12.36 15.68
N VAL A 158 -7.58 12.34 16.90
CA VAL A 158 -8.24 11.56 17.95
C VAL A 158 -9.66 12.04 18.19
N SER A 159 -9.80 13.35 18.21
CA SER A 159 -11.08 13.96 18.43
C SER A 159 -12.04 13.66 17.27
N LEU A 160 -11.49 13.62 16.06
CA LEU A 160 -12.32 13.29 14.91
C LEU A 160 -12.79 11.85 15.03
N GLU A 161 -11.91 10.99 15.53
CA GLU A 161 -12.26 9.58 15.70
C GLU A 161 -13.33 9.42 16.77
N VAL A 162 -13.21 10.21 17.82
CA VAL A 162 -14.22 10.17 18.88
C VAL A 162 -15.56 10.61 18.33
N LEU A 163 -15.55 11.69 17.56
CA LEU A 163 -16.78 12.22 16.98
C LEU A 163 -17.47 11.17 16.11
N GLU A 164 -16.70 10.55 15.21
CA GLU A 164 -17.28 9.55 14.32
C GLU A 164 -17.91 8.44 15.14
N ASN A 165 -17.21 8.01 16.17
CA ASN A 165 -17.72 6.94 17.01
C ASN A 165 -18.95 7.29 17.82
N LEU A 166 -19.00 8.51 18.34
CA LEU A 166 -20.20 8.94 19.06
C LEU A 166 -21.40 8.94 18.12
N TYR A 167 -21.16 9.39 16.90
CA TYR A 167 -22.20 9.44 15.89
C TYR A 167 -22.70 8.04 15.52
N GLU A 168 -21.79 7.11 15.32
CA GLU A 168 -22.26 5.78 14.92
C GLU A 168 -22.89 5.02 16.09
N ARG A 169 -22.55 5.43 17.31
CA ARG A 169 -23.20 4.88 18.50
C ARG A 169 -24.65 5.36 18.57
N GLY A 170 -24.96 6.45 17.89
CA GLY A 170 -26.31 7.00 17.91
C GLY A 170 -26.46 8.33 18.61
N LEU A 171 -25.35 8.92 19.06
CA LEU A 171 -25.44 10.20 19.73
C LEU A 171 -25.40 11.31 18.68
N HIS A 172 -25.58 12.55 19.13
CA HIS A 172 -25.57 13.69 18.21
C HIS A 172 -24.51 14.69 18.59
N PRO A 173 -23.31 14.50 18.05
CA PRO A 173 -22.22 15.39 18.40
C PRO A 173 -22.23 16.67 17.57
N THR A 174 -21.63 17.71 18.15
CA THR A 174 -21.32 18.94 17.46
C THR A 174 -19.83 19.14 17.60
N LEU A 175 -19.14 19.54 16.53
CA LEU A 175 -17.70 19.74 16.62
C LEU A 175 -17.36 21.23 16.68
N ILE A 176 -16.48 21.60 17.62
CA ILE A 176 -15.89 22.94 17.53
C ILE A 176 -14.38 22.86 17.65
N HIS A 177 -13.71 23.92 17.20
CA HIS A 177 -12.27 24.01 17.31
C HIS A 177 -11.87 25.48 17.32
N ARG A 178 -10.85 25.80 18.11
CA ARG A 178 -10.48 27.18 18.35
C ARG A 178 -9.84 27.85 17.14
N SER A 179 -9.51 27.08 16.11
CA SER A 179 -9.04 27.69 14.87
C SER A 179 -9.62 26.97 13.68
N ASP A 180 -9.15 27.28 12.48
CA ASP A 180 -9.67 26.52 11.36
C ASP A 180 -8.69 25.43 10.91
N LYS A 181 -7.59 25.27 11.65
CA LYS A 181 -6.64 24.23 11.30
C LYS A 181 -7.02 22.87 11.87
N ILE A 182 -8.07 22.27 11.30
CA ILE A 182 -8.42 20.91 11.69
C ILE A 182 -7.37 19.96 11.15
N ASN A 183 -7.33 18.79 11.80
CA ASN A 183 -6.46 17.67 11.40
C ASN A 183 -5.11 18.15 10.86
N LYS A 184 -4.33 18.78 11.73
CA LYS A 184 -3.26 19.66 11.27
C LYS A 184 -2.04 18.96 10.68
N LEU A 185 -1.96 17.64 10.78
CA LEU A 185 -0.86 16.94 10.10
C LEU A 185 -1.12 16.86 8.60
N MET A 186 -2.31 17.24 8.16
CA MET A 186 -2.63 17.18 6.73
C MET A 186 -2.61 18.58 6.13
N ASP A 187 -2.27 18.72 4.85
CA ASP A 187 -2.38 20.00 4.17
C ASP A 187 -3.80 20.54 4.34
N ALA A 188 -3.91 21.82 4.69
CA ALA A 188 -5.21 22.42 5.01
C ALA A 188 -6.26 22.30 3.91
N ASP A 189 -5.86 22.50 2.65
CA ASP A 189 -6.85 22.39 1.59
C ASP A 189 -7.32 20.95 1.39
N MET A 190 -6.48 20.00 1.75
CA MET A 190 -6.83 18.60 1.55
C MET A 190 -7.72 18.02 2.66
N ASN A 191 -8.04 18.86 3.65
CA ASN A 191 -8.89 18.42 4.77
C ASN A 191 -10.37 18.66 4.54
N GLN A 192 -10.69 19.31 3.43
CA GLN A 192 -12.09 19.64 3.12
C GLN A 192 -13.08 18.46 3.17
N PRO A 193 -12.64 17.24 2.75
CA PRO A 193 -13.62 16.15 2.87
C PRO A 193 -14.07 15.87 4.30
N ILE A 194 -13.29 16.29 5.30
CA ILE A 194 -13.75 16.17 6.68
C ILE A 194 -15.02 16.99 6.86
N LEU A 195 -14.99 18.22 6.40
CA LEU A 195 -16.16 19.09 6.54
C LEU A 195 -17.30 18.62 5.62
N ASP A 196 -16.94 18.10 4.44
CA ASP A 196 -17.95 17.48 3.56
C ASP A 196 -18.68 16.33 4.23
N GLU A 197 -17.92 15.49 4.94
CA GLU A 197 -18.53 14.32 5.55
C GLU A 197 -19.44 14.72 6.71
N LEU A 198 -19.03 15.76 7.43
CA LEU A 198 -19.86 16.30 8.50
C LEU A 198 -21.15 16.85 7.89
N ASP A 199 -21.00 17.62 6.82
CA ASP A 199 -22.15 18.27 6.20
C ASP A 199 -23.14 17.24 5.68
N LYS A 200 -22.60 16.18 5.09
CA LYS A 200 -23.42 15.13 4.50
C LYS A 200 -24.28 14.47 5.56
N ARG A 201 -23.76 14.39 6.78
CA ARG A 201 -24.48 13.73 7.85
C ARG A 201 -25.20 14.70 8.78
N GLU A 202 -25.23 15.97 8.39
CA GLU A 202 -25.87 17.01 9.19
C GLU A 202 -25.32 17.04 10.62
N ILE A 203 -24.01 16.82 10.72
CA ILE A 203 -23.33 16.98 11.99
C ILE A 203 -22.79 18.40 12.04
N PRO A 204 -23.28 19.19 13.00
CA PRO A 204 -22.88 20.61 13.05
C PRO A 204 -21.43 20.76 13.44
N TYR A 205 -20.79 21.77 12.88
CA TYR A 205 -19.46 22.15 13.33
C TYR A 205 -19.28 23.65 13.26
N ARG A 206 -18.41 24.16 14.12
CA ARG A 206 -18.06 25.58 14.10
C ARG A 206 -16.57 25.70 14.36
N LEU A 207 -15.86 26.30 13.41
CA LEU A 207 -14.43 26.53 13.57
C LEU A 207 -14.19 27.96 14.03
N ASN A 208 -13.00 28.22 14.56
CA ASN A 208 -12.74 29.48 15.26
C ASN A 208 -13.78 29.75 16.35
N GLU A 209 -14.09 28.70 17.10
CA GLU A 209 -15.09 28.75 18.15
C GLU A 209 -14.53 28.15 19.43
N GLU A 210 -14.94 28.71 20.56
CA GLU A 210 -14.48 28.28 21.87
C GLU A 210 -15.58 28.38 22.91
N ILE A 211 -15.41 27.62 23.98
CA ILE A 211 -16.26 27.74 25.16
C ILE A 211 -15.86 28.97 25.95
N ASN A 212 -16.86 29.74 26.34
CA ASN A 212 -16.66 30.95 27.13
C ASN A 212 -16.98 30.58 28.58
N ALA A 213 -18.11 29.91 28.77
CA ALA A 213 -18.53 29.53 30.11
C ALA A 213 -19.42 28.29 30.14
N ILE A 214 -19.39 27.60 31.28
CA ILE A 214 -20.29 26.48 31.48
C ILE A 214 -21.10 26.68 32.76
N ASN A 215 -22.41 26.57 32.62
CA ASN A 215 -23.34 26.67 33.73
C ASN A 215 -24.21 25.45 33.73
N GLY A 216 -23.77 24.36 34.37
CA GLY A 216 -24.55 23.15 34.34
C GLY A 216 -24.45 22.52 32.96
N ASN A 217 -25.58 22.38 32.26
CA ASN A 217 -25.56 21.91 30.88
C ASN A 217 -25.62 23.01 29.84
N GLU A 218 -25.70 24.26 30.31
CA GLU A 218 -25.81 25.40 29.42
C GLU A 218 -24.41 25.89 29.06
N ILE A 219 -24.05 25.78 27.79
CA ILE A 219 -22.72 26.18 27.36
C ILE A 219 -22.78 27.48 26.59
N THR A 220 -21.98 28.44 27.03
CA THR A 220 -21.89 29.72 26.33
C THR A 220 -20.58 29.80 25.56
N PHE A 221 -20.67 30.26 24.32
CA PHE A 221 -19.54 30.21 23.43
C PHE A 221 -19.02 31.60 23.10
N LYS A 222 -17.81 31.61 22.56
CA LYS A 222 -17.14 32.80 22.07
C LYS A 222 -18.00 33.55 21.03
N SER A 223 -18.69 32.78 20.20
CA SER A 223 -19.52 33.37 19.15
C SER A 223 -20.69 34.16 19.75
N GLY A 224 -21.00 33.89 21.01
CA GLY A 224 -22.18 34.46 21.64
C GLY A 224 -23.30 33.43 21.78
N LYS A 225 -23.20 32.34 21.02
CA LYS A 225 -24.20 31.29 21.06
C LYS A 225 -24.29 30.63 22.42
N VAL A 226 -25.49 30.14 22.75
CA VAL A 226 -25.72 29.43 24.00
C VAL A 226 -26.47 28.17 23.65
N GLU A 227 -25.90 27.02 24.01
CA GLU A 227 -26.51 25.74 23.68
C GLU A 227 -26.49 24.82 24.88
N HIS A 228 -27.39 23.84 24.86
CA HIS A 228 -27.41 22.83 25.89
CA HIS A 228 -27.46 22.83 25.89
C HIS A 228 -26.78 21.53 25.41
N TYR A 229 -25.87 21.01 26.23
CA TYR A 229 -25.23 19.74 25.93
C TYR A 229 -25.26 18.81 27.12
N ASP A 230 -25.39 17.51 26.84
CA ASP A 230 -25.41 16.51 27.91
C ASP A 230 -24.02 16.13 28.35
N MET A 231 -23.04 16.42 27.49
CA MET A 231 -21.70 15.93 27.73
C MET A 231 -20.71 16.69 26.85
N ILE A 232 -19.47 16.80 27.30
CA ILE A 232 -18.43 17.47 26.54
C ILE A 232 -17.18 16.63 26.58
N ILE A 233 -16.61 16.38 25.41
CA ILE A 233 -15.35 15.68 25.37
C ILE A 233 -14.31 16.64 24.85
N GLU A 234 -13.31 16.93 25.68
CA GLU A 234 -12.28 17.90 25.30
C GLU A 234 -11.05 17.18 24.78
N GLY A 235 -10.72 17.48 23.52
CA GLY A 235 -9.47 17.02 22.94
C GLY A 235 -8.67 18.27 22.58
N VAL A 236 -8.10 18.89 23.61
CA VAL A 236 -7.46 20.18 23.41
C VAL A 236 -5.95 20.09 23.58
N GLY A 237 -5.39 19.01 23.07
CA GLY A 237 -3.95 18.86 23.06
C GLY A 237 -3.47 18.09 24.26
N THR A 238 -2.17 17.87 24.31
CA THR A 238 -1.58 17.13 25.41
C THR A 238 -0.36 17.86 25.92
N HIS A 239 0.14 17.40 27.07
CA HIS A 239 1.35 17.93 27.64
C HIS A 239 2.17 16.76 28.17
N PRO A 240 3.51 16.90 28.15
CA PRO A 240 4.40 15.79 28.50
C PRO A 240 4.36 15.51 29.99
N ASN A 241 4.45 14.24 30.35
CA ASN A 241 4.47 13.84 31.75
C ASN A 241 5.90 13.89 32.30
N SER A 242 6.39 15.12 32.50
CA SER A 242 7.79 15.30 32.90
C SER A 242 7.98 16.09 34.19
N LYS A 243 6.90 16.39 34.89
CA LYS A 243 7.04 17.15 36.15
C LYS A 243 7.93 16.41 37.14
N PHE A 244 7.82 15.08 37.13
CA PHE A 244 8.57 14.27 38.08
C PHE A 244 10.06 14.20 37.75
N ILE A 245 10.42 14.76 36.60
CA ILE A 245 11.78 14.70 36.08
C ILE A 245 12.56 16.00 36.37
N GLU A 246 11.85 17.09 36.64
CA GLU A 246 12.48 18.42 36.69
C GLU A 246 13.58 18.59 37.71
N SER A 247 13.47 17.90 38.84
CA SER A 247 14.48 18.03 39.88
C SER A 247 15.75 17.24 39.59
N SER A 248 15.69 16.32 38.61
CA SER A 248 16.85 15.50 38.27
C SER A 248 17.82 16.25 37.34
N ASN A 249 18.89 15.56 36.96
CA ASN A 249 19.90 16.14 36.06
C ASN A 249 19.54 15.96 34.59
N ILE A 250 18.43 15.31 34.34
CA ILE A 250 18.02 15.10 32.97
C ILE A 250 17.63 16.44 32.33
N LYS A 251 18.17 16.68 31.13
CA LYS A 251 17.89 17.89 30.38
C LYS A 251 16.53 17.82 29.67
N LEU A 252 15.70 18.85 29.89
CA LEU A 252 14.40 18.97 29.25
C LEU A 252 14.43 20.18 28.35
N ASP A 253 13.66 20.15 27.27
CA ASP A 253 13.59 21.35 26.44
C ASP A 253 12.58 22.33 27.06
N ARG A 254 12.34 23.45 26.39
CA ARG A 254 11.46 24.47 26.95
C ARG A 254 10.01 24.02 27.08
N LYS A 255 9.63 22.96 26.36
CA LYS A 255 8.25 22.48 26.44
C LYS A 255 8.08 21.31 27.38
N GLY A 256 9.17 20.85 27.97
CA GLY A 256 9.09 19.76 28.92
C GLY A 256 9.35 18.40 28.31
N PHE A 257 9.82 18.36 27.06
CA PHE A 257 10.18 17.08 26.45
C PHE A 257 11.64 16.73 26.68
N ILE A 258 11.99 15.47 26.40
CA ILE A 258 13.37 15.04 26.60
C ILE A 258 14.11 14.80 25.27
N PRO A 259 15.10 15.67 24.96
CA PRO A 259 15.98 15.46 23.81
C PRO A 259 16.77 14.19 23.99
N VAL A 260 16.81 13.35 22.96
CA VAL A 260 17.63 12.14 23.04
C VAL A 260 18.52 11.98 21.83
N ASN A 261 19.57 11.19 21.99
CA ASN A 261 20.38 10.84 20.84
C ASN A 261 19.77 9.66 20.07
N ASP A 262 20.51 9.15 19.09
CA ASP A 262 19.99 8.09 18.23
C ASP A 262 20.00 6.73 18.91
N LYS A 263 20.49 6.69 20.15
CA LYS A 263 20.40 5.50 20.97
C LYS A 263 19.27 5.66 22.00
N PHE A 264 18.50 6.73 21.86
CA PHE A 264 17.49 7.13 22.85
C PHE A 264 18.03 7.37 24.25
N GLU A 265 19.30 7.74 24.31
CA GLU A 265 19.92 8.12 25.57
C GLU A 265 19.59 9.56 25.90
N THR A 266 19.30 9.83 27.18
CA THR A 266 19.23 11.20 27.66
C THR A 266 20.65 11.66 27.90
N ASN A 267 20.80 12.87 28.42
CA ASN A 267 22.14 13.39 28.75
C ASN A 267 22.76 12.71 29.97
N VAL A 268 21.95 11.94 30.71
CA VAL A 268 22.44 11.33 31.95
C VAL A 268 22.70 9.87 31.72
N PRO A 269 23.89 9.40 32.12
CA PRO A 269 24.19 8.01 31.80
C PRO A 269 23.21 7.00 32.41
N ASN A 270 22.98 5.94 31.65
CA ASN A 270 22.12 4.83 32.03
C ASN A 270 20.63 5.16 32.05
N ILE A 271 20.28 6.37 31.62
CA ILE A 271 18.86 6.70 31.50
C ILE A 271 18.44 6.97 30.06
N TYR A 272 17.44 6.22 29.61
CA TYR A 272 16.91 6.33 28.25
C TYR A 272 15.52 6.96 28.29
N ALA A 273 15.10 7.54 27.17
CA ALA A 273 13.73 8.02 27.07
C ALA A 273 13.19 7.71 25.70
N ILE A 274 11.93 7.29 25.69
CA ILE A 274 11.28 6.85 24.46
C ILE A 274 9.83 7.27 24.47
N GLY A 275 9.19 7.13 23.32
CA GLY A 275 7.77 7.41 23.22
C GLY A 275 7.48 8.89 23.10
N ASP A 276 6.27 9.30 23.48
CA ASP A 276 5.84 10.68 23.28
C ASP A 276 6.71 11.70 24.00
N ILE A 277 7.42 11.28 25.04
CA ILE A 277 8.20 12.21 25.85
C ILE A 277 9.50 12.64 25.15
N ALA A 278 9.92 11.87 24.14
CA ALA A 278 11.25 12.05 23.57
C ALA A 278 11.24 12.85 22.28
N THR A 279 12.31 13.60 22.02
CA THR A 279 12.41 14.31 20.75
C THR A 279 13.69 13.96 20.05
N SER A 280 13.62 13.97 18.73
CA SER A 280 14.72 13.50 17.94
C SER A 280 14.83 14.42 16.74
N HIS A 281 15.08 13.83 15.58
CA HIS A 281 15.21 14.62 14.36
C HIS A 281 14.63 13.84 13.20
N TYR A 282 14.42 14.52 12.08
CA TYR A 282 13.96 13.82 10.90
C TYR A 282 15.07 12.99 10.27
N ARG A 283 14.68 11.96 9.53
CA ARG A 283 15.61 11.08 8.81
C ARG A 283 16.14 11.71 7.51
N HIS A 284 15.25 12.42 6.81
CA HIS A 284 15.56 12.84 5.44
C HIS A 284 15.99 14.30 5.32
N VAL A 285 15.79 15.09 6.39
CA VAL A 285 16.29 16.47 6.42
C VAL A 285 16.91 16.75 7.77
N ASP A 286 17.77 17.77 7.83
CA ASP A 286 18.40 18.14 9.10
C ASP A 286 17.54 19.09 9.92
N LEU A 287 16.48 18.55 10.52
CA LEU A 287 15.61 19.36 11.36
C LEU A 287 15.16 18.52 12.54
N PRO A 288 14.86 19.18 13.67
CA PRO A 288 14.32 18.45 14.84
C PRO A 288 12.94 17.92 14.52
N ALA A 289 12.58 16.82 15.17
CA ALA A 289 11.30 16.19 14.95
C ALA A 289 10.73 15.65 16.25
N SER A 290 9.42 15.81 16.38
CA SER A 290 8.68 15.16 17.45
C SER A 290 7.47 14.50 16.81
N VAL A 291 7.38 13.18 16.93
CA VAL A 291 6.33 12.41 16.27
C VAL A 291 5.74 11.47 17.31
N PRO A 292 4.78 11.99 18.08
CA PRO A 292 4.21 11.26 19.21
C PRO A 292 3.14 10.29 18.75
N LEU A 293 3.60 9.21 18.15
CA LEU A 293 2.70 8.19 17.61
C LEU A 293 3.23 6.80 17.95
N ALA A 294 2.40 5.80 17.66
CA ALA A 294 2.67 4.44 18.10
C ALA A 294 3.91 3.84 17.47
N TRP A 295 4.10 4.04 16.16
CA TRP A 295 5.22 3.41 15.47
C TRP A 295 6.54 3.79 16.15
N GLY A 296 6.67 5.08 16.48
CA GLY A 296 7.88 5.57 17.11
C GLY A 296 8.09 5.02 18.50
N ALA A 297 7.00 4.78 19.24
CA ALA A 297 7.12 4.21 20.58
C ALA A 297 7.65 2.79 20.45
N HIS A 298 7.07 2.02 19.51
CA HIS A 298 7.50 0.64 19.31
C HIS A 298 8.91 0.51 18.76
N ARG A 299 9.29 1.41 17.87
CA ARG A 299 10.60 1.29 17.25
C ARG A 299 11.68 1.62 18.28
N ALA A 300 11.48 2.71 19.02
CA ALA A 300 12.43 3.11 20.03
C ALA A 300 12.54 2.03 21.09
N ALA A 301 11.42 1.40 21.41
CA ALA A 301 11.43 0.32 22.38
C ALA A 301 12.40 -0.78 21.92
N SER A 302 12.33 -1.15 20.66
CA SER A 302 13.21 -2.20 20.14
C SER A 302 14.67 -1.76 20.17
N ILE A 303 14.90 -0.50 19.83
CA ILE A 303 16.26 0.00 19.77
C ILE A 303 16.89 0.04 21.15
N VAL A 304 16.13 0.51 22.13
CA VAL A 304 16.60 0.52 23.51
C VAL A 304 16.90 -0.91 24.00
N ALA A 305 16.04 -1.85 23.64
CA ALA A 305 16.29 -3.24 23.99
C ALA A 305 17.64 -3.72 23.41
N GLU A 306 17.87 -3.43 22.13
CA GLU A 306 19.15 -3.82 21.55
C GLU A 306 20.31 -3.11 22.24
N GLN A 307 20.14 -1.82 22.56
CA GLN A 307 21.21 -1.09 23.24
C GLN A 307 21.61 -1.76 24.55
N ILE A 308 20.60 -2.14 25.32
CA ILE A 308 20.82 -2.66 26.65
C ILE A 308 21.25 -4.13 26.65
N ALA A 309 20.57 -4.95 25.85
CA ALA A 309 20.76 -6.39 25.97
C ALA A 309 21.10 -7.10 24.66
N GLY A 310 21.25 -6.33 23.58
CA GLY A 310 21.50 -6.94 22.29
C GLY A 310 22.64 -6.28 21.53
N ASN A 311 22.37 -5.94 20.28
CA ASN A 311 23.38 -5.37 19.40
C ASN A 311 23.43 -3.85 19.52
N ASP A 312 24.48 -3.35 20.17
CA ASP A 312 24.49 -1.93 20.45
C ASP A 312 24.92 -1.03 19.27
N THR A 313 25.08 -1.60 18.08
CA THR A 313 25.32 -0.79 16.89
C THR A 313 24.01 -0.35 16.25
N ILE A 314 22.92 -0.97 16.67
CA ILE A 314 21.61 -0.62 16.16
C ILE A 314 21.18 0.74 16.71
N GLU A 315 21.05 1.73 15.83
CA GLU A 315 20.65 3.06 16.25
C GLU A 315 19.51 3.61 15.38
N PHE A 316 18.79 4.59 15.92
CA PHE A 316 17.69 5.26 15.24
C PHE A 316 18.25 6.10 14.11
N LYS A 317 17.47 6.28 13.04
CA LYS A 317 17.95 7.08 11.94
C LYS A 317 17.11 8.32 11.73
N GLY A 318 16.12 8.50 12.58
CA GLY A 318 15.31 9.70 12.51
C GLY A 318 13.90 9.36 12.08
N PHE A 319 13.01 10.34 12.23
CA PHE A 319 11.62 10.19 11.88
C PHE A 319 11.32 10.67 10.48
N LEU A 320 10.26 10.12 9.90
CA LEU A 320 9.70 10.66 8.68
C LEU A 320 8.34 11.30 8.97
N GLY A 321 7.74 10.94 10.09
CA GLY A 321 6.45 11.50 10.47
C GLY A 321 5.27 10.96 9.67
N ASN A 322 5.26 9.66 9.39
CA ASN A 322 4.15 9.07 8.63
C ASN A 322 2.93 9.00 9.54
N ASN A 323 1.78 9.47 9.04
CA ASN A 323 0.58 9.48 9.89
C ASN A 323 -0.69 9.35 9.06
N ILE A 324 -1.76 8.93 9.71
CA ILE A 324 -2.96 8.66 8.96
C ILE A 324 -4.17 8.64 9.86
N VAL A 325 -5.31 9.05 9.32
CA VAL A 325 -6.54 8.89 10.05
C VAL A 325 -7.68 8.61 9.08
N LYS A 326 -8.61 7.82 9.58
CA LYS A 326 -9.84 7.58 8.85
CA LYS A 326 -9.84 7.59 8.85
C LYS A 326 -10.94 8.47 9.42
N PHE A 327 -11.71 9.09 8.53
CA PHE A 327 -12.87 9.84 8.97
C PHE A 327 -14.02 9.58 8.03
N PHE A 328 -15.00 8.83 8.55
CA PHE A 328 -16.09 8.29 7.74
C PHE A 328 -15.57 7.58 6.48
N ASP A 329 -15.92 8.04 5.29
CA ASP A 329 -15.53 7.30 4.08
C ASP A 329 -14.11 7.59 3.61
N TYR A 330 -13.47 8.60 4.18
CA TYR A 330 -12.19 9.10 3.66
C TYR A 330 -10.97 8.75 4.51
N THR A 331 -9.82 8.63 3.84
CA THR A 331 -8.53 8.42 4.50
C THR A 331 -7.66 9.66 4.26
N PHE A 332 -6.94 10.10 5.29
CA PHE A 332 -6.11 11.31 5.18
C PHE A 332 -4.74 10.91 5.67
N ALA A 333 -3.77 10.91 4.78
CA ALA A 333 -2.44 10.44 5.16
C ALA A 333 -1.34 11.36 4.67
N SER A 334 -0.30 11.50 5.51
CA SER A 334 0.84 12.30 5.10
C SER A 334 2.14 11.81 5.72
N VAL A 335 3.24 12.28 5.16
CA VAL A 335 4.56 11.86 5.61
C VAL A 335 5.59 12.92 5.20
N GLY A 336 6.63 13.06 6.02
CA GLY A 336 7.67 14.05 5.77
C GLY A 336 7.52 15.26 6.67
N VAL A 337 8.15 16.37 6.30
CA VAL A 337 8.03 17.58 7.11
C VAL A 337 6.59 18.09 7.20
N LYS A 338 6.28 18.77 8.30
CA LYS A 338 4.95 19.35 8.49
C LYS A 338 4.77 20.55 7.58
N PRO A 339 3.51 20.93 7.32
CA PRO A 339 3.22 22.07 6.44
C PRO A 339 3.95 23.34 6.82
N ASN A 340 4.04 23.62 8.11
CA ASN A 340 4.71 24.84 8.54
CA ASN A 340 4.73 24.82 8.58
C ASN A 340 6.24 24.75 8.45
N GLU A 341 6.76 23.55 8.22
CA GLU A 341 8.20 23.37 8.15
C GLU A 341 8.69 23.49 6.70
N LEU A 342 7.76 23.45 5.76
CA LEU A 342 8.12 23.56 4.36
C LEU A 342 8.86 24.86 4.09
N LYS A 343 8.51 25.91 4.83
CA LYS A 343 9.13 27.23 4.62
C LYS A 343 10.64 27.26 4.90
N GLN A 344 11.18 26.19 5.46
CA GLN A 344 12.63 26.13 5.69
C GLN A 344 13.36 25.63 4.46
N PHE A 345 12.61 25.40 3.39
CA PHE A 345 13.17 24.84 2.18
C PHE A 345 12.72 25.64 0.99
N ASP A 346 13.53 25.64 -0.05
CA ASP A 346 13.05 26.06 -1.35
C ASP A 346 12.42 24.86 -1.99
N TYR A 347 11.12 24.93 -2.22
CA TYR A 347 10.43 23.72 -2.64
C TYR A 347 9.46 23.99 -3.77
N LYS A 348 9.03 22.89 -4.38
CA LYS A 348 7.95 22.91 -5.35
C LYS A 348 6.98 21.79 -5.06
N MET A 349 5.75 21.94 -5.56
CA MET A 349 4.69 20.98 -5.31
C MET A 349 4.22 20.39 -6.63
N VAL A 350 4.01 19.08 -6.63
CA VAL A 350 3.41 18.39 -7.75
C VAL A 350 2.20 17.62 -7.22
N GLU A 351 1.12 17.58 -8.00
CA GLU A 351 -0.05 16.81 -7.56
C GLU A 351 -0.79 16.14 -8.71
N VAL A 352 -1.49 15.06 -8.37
CA VAL A 352 -2.40 14.38 -9.29
C VAL A 352 -3.68 14.02 -8.60
N THR A 353 -4.77 14.10 -9.35
CA THR A 353 -6.02 13.55 -8.89
C THR A 353 -6.54 12.58 -9.92
N GLN A 354 -6.66 11.33 -9.50
CA GLN A 354 -6.97 10.25 -10.41
C GLN A 354 -7.69 9.16 -9.66
N GLY A 355 -8.40 8.31 -10.40
CA GLY A 355 -9.03 7.16 -9.77
C GLY A 355 -8.00 6.32 -9.02
N ALA A 356 -8.43 5.78 -7.88
CA ALA A 356 -7.58 4.93 -7.06
C ALA A 356 -7.22 3.68 -7.87
N HIS A 357 -8.15 3.24 -8.71
CA HIS A 357 -7.93 2.07 -9.55
C HIS A 357 -8.60 2.27 -10.91
N ALA A 358 -8.73 1.19 -11.67
CA ALA A 358 -9.21 1.27 -13.06
C ALA A 358 -10.55 1.98 -13.13
N ASN A 359 -10.66 2.94 -14.04
CA ASN A 359 -11.85 3.75 -14.08
C ASN A 359 -13.11 2.94 -14.39
N TYR A 360 -12.91 1.81 -15.06
CA TYR A 360 -14.05 0.99 -15.43
C TYR A 360 -14.42 0.02 -14.36
N TYR A 361 -13.57 -0.07 -13.35
CA TYR A 361 -13.79 -1.05 -12.33
C TYR A 361 -14.60 -0.38 -11.25
N PRO A 362 -15.68 -1.06 -10.83
CA PRO A 362 -16.68 -0.59 -9.88
C PRO A 362 -16.07 0.03 -8.63
N GLY A 363 -16.81 0.96 -8.02
CA GLY A 363 -16.47 1.45 -6.70
C GLY A 363 -15.18 2.24 -6.69
N ASN A 364 -14.89 2.88 -7.80
CA ASN A 364 -13.70 3.71 -7.88
C ASN A 364 -13.98 5.05 -7.21
N SER A 365 -12.91 5.79 -6.89
CA SER A 365 -13.08 7.11 -6.30
C SER A 365 -11.83 7.89 -6.59
N PRO A 366 -11.96 9.22 -6.64
CA PRO A 366 -10.79 10.03 -6.97
C PRO A 366 -9.82 10.12 -5.79
N LEU A 367 -8.55 9.88 -6.08
CA LEU A 367 -7.51 9.93 -5.08
C LEU A 367 -6.63 11.13 -5.38
N HIS A 368 -6.47 11.99 -4.39
CA HIS A 368 -5.64 13.18 -4.55
C HIS A 368 -4.29 12.91 -3.89
N LEU A 369 -3.21 13.00 -4.67
CA LEU A 369 -1.86 12.76 -4.15
C LEU A 369 -0.98 13.98 -4.44
N ARG A 370 -0.29 14.47 -3.40
CA ARG A 370 0.52 15.65 -3.53
C ARG A 370 1.92 15.35 -2.99
N VAL A 371 2.92 15.82 -3.71
CA VAL A 371 4.31 15.60 -3.30
C VAL A 371 5.05 16.93 -3.38
N TYR A 372 5.80 17.25 -2.32
CA TYR A 372 6.64 18.43 -2.27
C TYR A 372 8.10 18.00 -2.37
N TYR A 373 8.87 18.70 -3.20
CA TYR A 373 10.28 18.37 -3.32
C TYR A 373 11.19 19.59 -3.18
N ASP A 374 12.43 19.34 -2.77
CA ASP A 374 13.44 20.38 -2.56
C ASP A 374 14.03 20.74 -3.91
N THR A 375 14.01 22.03 -4.26
CA THR A 375 14.54 22.42 -5.58
C THR A 375 16.04 22.26 -5.66
N SER A 376 16.73 22.26 -4.52
CA SER A 376 18.18 22.20 -4.57
C SER A 376 18.69 20.81 -4.91
N ASN A 377 17.89 19.77 -4.63
CA ASN A 377 18.38 18.41 -4.82
C ASN A 377 17.34 17.40 -5.30
N ARG A 378 16.13 17.88 -5.63
CA ARG A 378 15.03 17.05 -6.16
C ARG A 378 14.49 16.04 -5.15
N GLN A 379 15.00 16.06 -3.92
CA GLN A 379 14.57 15.08 -2.93
C GLN A 379 13.17 15.37 -2.40
N ILE A 380 12.45 14.30 -2.11
CA ILE A 380 11.10 14.42 -1.60
C ILE A 380 11.07 14.89 -0.15
N LEU A 381 10.32 15.95 0.12
CA LEU A 381 10.28 16.52 1.48
C LEU A 381 9.03 16.12 2.23
N ARG A 382 7.93 16.00 1.50
CA ARG A 382 6.63 15.79 2.12
C ARG A 382 5.70 15.18 1.08
N ALA A 383 4.81 14.31 1.54
CA ALA A 383 3.76 13.84 0.66
C ALA A 383 2.44 13.73 1.43
N ALA A 384 1.33 13.84 0.69
CA ALA A 384 0.01 13.83 1.32
C ALA A 384 -0.97 13.20 0.37
N ALA A 385 -1.91 12.42 0.90
CA ALA A 385 -2.92 11.84 0.03
C ALA A 385 -4.25 11.75 0.72
N VAL A 386 -5.29 12.03 -0.05
CA VAL A 386 -6.63 12.01 0.48
C VAL A 386 -7.59 11.36 -0.52
N GLY A 387 -8.42 10.45 -0.03
CA GLY A 387 -9.42 9.82 -0.86
C GLY A 387 -10.10 8.68 -0.12
N LYS A 388 -11.19 8.17 -0.68
CA LYS A 388 -11.87 7.04 -0.07
C LYS A 388 -11.08 5.75 -0.19
N GLU A 389 -10.19 5.67 -1.18
CA GLU A 389 -9.47 4.43 -1.44
C GLU A 389 -8.04 4.71 -1.90
N GLY A 390 -7.08 3.95 -1.38
CA GLY A 390 -5.74 3.92 -1.95
C GLY A 390 -4.73 4.87 -1.34
N ALA A 391 -5.19 5.78 -0.48
CA ALA A 391 -4.30 6.77 0.13
C ALA A 391 -3.23 6.13 1.01
N ASP A 392 -3.62 5.15 1.83
CA ASP A 392 -2.64 4.52 2.70
C ASP A 392 -1.52 3.84 1.90
N LYS A 393 -1.90 3.16 0.82
CA LYS A 393 -0.92 2.50 -0.04
C LYS A 393 0.13 3.50 -0.59
N ARG A 394 -0.33 4.63 -1.14
CA ARG A 394 0.60 5.55 -1.79
C ARG A 394 1.53 6.18 -0.76
N ILE A 395 0.99 6.52 0.40
CA ILE A 395 1.80 7.19 1.39
C ILE A 395 2.82 6.23 2.00
N ASP A 396 2.43 4.98 2.20
CA ASP A 396 3.39 3.98 2.66
C ASP A 396 4.53 3.79 1.65
N VAL A 397 4.19 3.73 0.36
CA VAL A 397 5.21 3.64 -0.69
C VAL A 397 6.13 4.87 -0.64
N LEU A 398 5.55 6.05 -0.45
CA LEU A 398 6.37 7.26 -0.42
C LEU A 398 7.23 7.34 0.84
N SER A 399 6.73 6.80 1.96
CA SER A 399 7.55 6.72 3.16
C SER A 399 8.81 5.90 2.87
N MET A 400 8.63 4.76 2.21
CA MET A 400 9.77 3.90 1.87
C MET A 400 10.72 4.58 0.89
N ALA A 401 10.18 5.43 0.03
CA ALA A 401 11.00 6.18 -0.92
C ALA A 401 11.87 7.18 -0.17
N MET A 402 11.27 7.86 0.81
CA MET A 402 11.95 8.94 1.50
C MET A 402 13.01 8.40 2.42
N MET A 403 12.74 7.22 2.94
CA MET A 403 13.69 6.52 3.78
C MET A 403 15.02 6.42 3.05
N ASN A 404 14.92 6.32 1.73
CA ASN A 404 16.08 6.21 0.87
C ASN A 404 16.42 7.52 0.18
N GLN A 405 15.80 8.61 0.63
CA GLN A 405 16.05 9.95 0.07
C GLN A 405 15.92 9.97 -1.46
N LEU A 406 14.99 9.15 -1.96
CA LEU A 406 14.63 9.11 -3.36
C LEU A 406 14.26 10.50 -3.85
N THR A 407 14.53 10.77 -5.13
CA THR A 407 14.11 12.04 -5.71
C THR A 407 12.75 11.91 -6.37
N VAL A 408 12.11 13.05 -6.58
CA VAL A 408 10.79 13.05 -7.17
C VAL A 408 10.84 12.46 -8.59
N ASP A 409 11.98 12.64 -9.27
CA ASP A 409 12.09 12.18 -10.64
C ASP A 409 12.12 10.64 -10.74
N GLU A 410 12.71 9.99 -9.75
CA GLU A 410 12.83 8.53 -9.74
C GLU A 410 11.49 7.83 -9.53
N LEU A 411 10.46 8.60 -9.18
CA LEU A 411 9.12 8.03 -9.05
C LEU A 411 8.56 7.47 -10.38
N THR A 412 9.08 7.91 -11.51
CA THR A 412 8.70 7.30 -12.78
C THR A 412 9.10 5.83 -12.84
N GLU A 413 10.10 5.47 -12.04
CA GLU A 413 10.69 4.13 -12.08
C GLU A 413 10.04 3.15 -11.13
N PHE A 414 9.10 3.63 -10.34
CA PHE A 414 8.41 2.77 -9.39
C PHE A 414 7.56 1.74 -10.12
N GLU A 415 7.78 0.46 -9.80
CA GLU A 415 7.09 -0.59 -10.50
C GLU A 415 5.91 -1.05 -9.65
N VAL A 416 4.72 -0.63 -10.07
CA VAL A 416 3.54 -0.87 -9.29
C VAL A 416 3.01 -2.27 -9.62
N ALA A 417 2.25 -2.83 -8.69
CA ALA A 417 1.51 -4.04 -8.95
C ALA A 417 0.18 -3.64 -9.59
N TYR A 418 0.04 -3.94 -10.88
CA TYR A 418 -1.16 -3.54 -11.57
C TYR A 418 -2.08 -4.68 -11.96
N ALA A 419 -3.33 -4.54 -11.51
CA ALA A 419 -4.48 -5.15 -12.14
C ALA A 419 -5.62 -4.16 -11.90
N PRO A 420 -6.72 -4.27 -12.66
CA PRO A 420 -7.75 -3.21 -12.58
C PRO A 420 -8.31 -2.85 -11.18
N PRO A 421 -8.44 -3.83 -10.26
CA PRO A 421 -8.97 -3.44 -8.95
C PRO A 421 -8.03 -2.60 -8.09
N TYR A 422 -6.77 -2.42 -8.51
CA TYR A 422 -5.75 -1.94 -7.60
C TYR A 422 -5.06 -0.63 -7.96
N SER A 423 -4.81 -0.38 -9.24
CA SER A 423 -4.04 0.79 -9.64
C SER A 423 -4.19 1.08 -11.13
N HIS A 424 -3.13 1.65 -11.71
CA HIS A 424 -3.04 1.87 -13.16
C HIS A 424 -1.65 1.45 -13.61
N PRO A 425 -1.47 1.19 -14.92
CA PRO A 425 -0.15 0.87 -15.48
C PRO A 425 0.86 1.97 -15.18
N LYS A 426 0.41 3.21 -15.26
CA LYS A 426 1.16 4.33 -14.71
CA LYS A 426 1.15 4.34 -14.71
C LYS A 426 0.41 4.79 -13.48
N ASP A 427 0.92 4.42 -12.31
CA ASP A 427 0.21 4.72 -11.08
C ASP A 427 0.27 6.21 -10.81
N LEU A 428 -0.59 6.67 -9.91
CA LEU A 428 -0.47 8.04 -9.40
C LEU A 428 0.97 8.40 -9.02
N ILE A 429 1.68 7.46 -8.40
CA ILE A 429 3.07 7.74 -8.01
C ILE A 429 3.96 8.00 -9.21
N ASN A 430 3.83 7.16 -10.24
CA ASN A 430 4.60 7.40 -11.46
C ASN A 430 4.24 8.74 -12.08
N MET A 431 2.96 9.07 -12.09
CA MET A 431 2.51 10.34 -12.68
CA MET A 431 2.52 10.34 -12.68
C MET A 431 3.10 11.56 -11.99
N ILE A 432 3.34 11.45 -10.68
CA ILE A 432 4.00 12.54 -9.97
C ILE A 432 5.37 12.74 -10.60
N GLY A 433 6.04 11.64 -10.88
CA GLY A 433 7.36 11.69 -11.47
C GLY A 433 7.33 12.30 -12.86
N TYR A 434 6.38 11.87 -13.68
CA TYR A 434 6.32 12.40 -15.05
C TYR A 434 5.93 13.85 -15.05
N LYS A 435 5.16 14.27 -14.06
CA LYS A 435 4.73 15.66 -13.99
C LYS A 435 5.76 16.59 -13.37
N ALA A 436 6.87 16.05 -12.90
CA ALA A 436 7.78 16.87 -12.11
C ALA A 436 8.79 17.63 -12.95
N LYS A 437 8.65 17.55 -14.28
CA LYS A 437 9.63 18.25 -15.10
C LYS A 437 9.14 19.55 -15.75
N PRO B 1 11.93 12.32 -37.58
CA PRO B 1 12.05 10.99 -38.20
C PRO B 1 10.70 10.45 -38.64
N LYS B 2 10.70 9.63 -39.67
CA LYS B 2 9.50 8.86 -39.97
C LYS B 2 9.48 7.62 -39.08
N ILE B 3 8.40 7.49 -38.29
CA ILE B 3 8.24 6.46 -37.28
C ILE B 3 7.18 5.44 -37.67
N VAL B 4 7.57 4.18 -37.75
CA VAL B 4 6.61 3.10 -37.95
C VAL B 4 6.51 2.26 -36.69
N VAL B 5 5.29 1.91 -36.28
CA VAL B 5 5.07 1.12 -35.07
C VAL B 5 4.29 -0.12 -35.47
N VAL B 6 4.68 -1.28 -34.91
CA VAL B 6 3.97 -2.54 -35.15
C VAL B 6 3.26 -2.92 -33.87
N GLY B 7 1.93 -2.96 -33.90
CA GLY B 7 1.14 -3.26 -32.72
C GLY B 7 0.56 -1.95 -32.20
N ALA B 8 -0.76 -1.89 -32.07
CA ALA B 8 -1.39 -0.64 -31.72
C ALA B 8 -2.11 -0.69 -30.38
N VAL B 9 -1.52 -1.39 -29.41
CA VAL B 9 -2.19 -1.55 -28.11
C VAL B 9 -1.31 -1.04 -26.95
N ALA B 10 -1.01 -1.88 -25.95
CA ALA B 10 -0.38 -1.38 -24.73
C ALA B 10 0.95 -0.65 -24.93
N GLY B 11 1.88 -1.31 -25.63
CA GLY B 11 3.15 -0.68 -25.92
C GLY B 11 3.04 0.29 -27.09
N GLY B 12 2.47 -0.18 -28.19
CA GLY B 12 2.52 0.55 -29.45
C GLY B 12 1.78 1.88 -29.47
N ALA B 13 0.50 1.87 -29.09
CA ALA B 13 -0.28 3.10 -29.10
C ALA B 13 0.27 4.10 -28.07
N THR B 14 0.65 3.57 -26.91
CA THR B 14 1.23 4.39 -25.85
C THR B 14 2.53 5.04 -26.32
N CYS B 15 3.42 4.24 -26.89
CA CYS B 15 4.69 4.77 -27.34
C CYS B 15 4.45 5.89 -28.37
N ALA B 16 3.61 5.59 -29.36
CA ALA B 16 3.32 6.56 -30.42
C ALA B 16 2.76 7.84 -29.84
N SER B 17 1.88 7.72 -28.85
CA SER B 17 1.31 8.89 -28.21
CA SER B 17 1.32 8.91 -28.19
C SER B 17 2.38 9.71 -27.46
N GLN B 18 3.28 9.01 -26.77
CA GLN B 18 4.31 9.70 -26.01
C GLN B 18 5.29 10.44 -26.92
N ILE B 19 5.57 9.86 -28.08
CA ILE B 19 6.43 10.51 -29.06
C ILE B 19 5.79 11.80 -29.55
N ARG B 20 4.50 11.71 -29.88
CA ARG B 20 3.73 12.87 -30.29
C ARG B 20 3.67 13.99 -29.23
N ARG B 21 3.74 13.65 -27.94
CA ARG B 21 3.84 14.68 -26.92
C ARG B 21 5.11 15.49 -27.11
N LEU B 22 6.17 14.80 -27.50
CA LEU B 22 7.48 15.41 -27.61
C LEU B 22 7.80 15.96 -28.99
N ASP B 23 7.17 15.40 -30.01
CA ASP B 23 7.58 15.69 -31.38
C ASP B 23 6.32 15.80 -32.23
N LYS B 24 5.99 17.03 -32.59
CA LYS B 24 4.76 17.30 -33.33
C LYS B 24 4.94 17.26 -34.83
N GLU B 25 6.15 17.03 -35.31
CA GLU B 25 6.36 17.11 -36.76
C GLU B 25 6.52 15.77 -37.42
N SER B 26 7.07 14.82 -36.67
CA SER B 26 7.34 13.51 -37.23
C SER B 26 6.07 12.85 -37.75
N ASP B 27 6.19 12.17 -38.89
CA ASP B 27 5.14 11.31 -39.39
C ASP B 27 5.16 10.03 -38.56
N ILE B 28 4.02 9.62 -38.04
CA ILE B 28 3.96 8.38 -37.27
C ILE B 28 2.86 7.49 -37.80
N ILE B 29 3.22 6.25 -38.16
CA ILE B 29 2.22 5.30 -38.60
C ILE B 29 2.29 4.00 -37.81
N ILE B 30 1.13 3.52 -37.37
CA ILE B 30 1.05 2.24 -36.68
C ILE B 30 0.29 1.22 -37.52
N PHE B 31 0.87 0.03 -37.69
CA PHE B 31 0.13 -1.09 -38.30
C PHE B 31 -0.37 -2.04 -37.22
N GLU B 32 -1.65 -2.41 -37.31
CA GLU B 32 -2.26 -3.35 -36.40
C GLU B 32 -3.01 -4.42 -37.20
N LYS B 33 -2.68 -5.69 -36.98
CA LYS B 33 -3.22 -6.77 -37.83
C LYS B 33 -4.70 -7.01 -37.62
N ASP B 34 -5.18 -6.75 -36.40
CA ASP B 34 -6.58 -7.01 -36.07
C ASP B 34 -7.44 -5.75 -36.14
N ARG B 35 -8.68 -5.87 -35.67
CA ARG B 35 -9.68 -4.85 -35.89
C ARG B 35 -9.53 -3.57 -35.07
N ASP B 36 -9.08 -3.72 -33.82
CA ASP B 36 -9.14 -2.63 -32.85
C ASP B 36 -7.77 -2.16 -32.38
N MET B 37 -7.62 -0.86 -32.16
CA MET B 37 -6.43 -0.35 -31.50
C MET B 37 -6.82 0.02 -30.08
N SER B 38 -5.83 0.11 -29.19
CA SER B 38 -6.06 0.75 -27.89
C SER B 38 -7.17 0.12 -27.06
N PHE B 39 -7.38 -1.18 -27.20
CA PHE B 39 -8.35 -1.82 -26.32
C PHE B 39 -7.71 -2.05 -24.95
N ALA B 40 -8.56 -2.14 -23.94
CA ALA B 40 -8.09 -2.35 -22.57
C ALA B 40 -7.91 -3.84 -22.34
N ASN B 41 -6.71 -4.39 -22.59
CA ASN B 41 -6.52 -5.83 -22.45
C ASN B 41 -6.95 -6.34 -21.09
N CYS B 42 -6.62 -5.56 -20.06
CA CYS B 42 -6.86 -5.98 -18.69
C CYS B 42 -8.33 -6.00 -18.31
N ALA B 43 -9.12 -5.27 -19.08
CA ALA B 43 -10.55 -5.13 -18.80
C ALA B 43 -11.36 -6.28 -19.35
N LEU B 44 -10.78 -7.04 -20.28
CA LEU B 44 -11.58 -7.99 -21.05
C LEU B 44 -12.37 -9.03 -20.23
N PRO B 45 -11.73 -9.66 -19.22
CA PRO B 45 -12.53 -10.60 -18.41
C PRO B 45 -13.72 -9.93 -17.76
N TYR B 46 -13.56 -8.64 -17.44
CA TYR B 46 -14.61 -7.93 -16.72
C TYR B 46 -15.72 -7.52 -17.68
N VAL B 47 -15.37 -7.40 -18.96
CA VAL B 47 -16.39 -7.21 -19.98
C VAL B 47 -17.21 -8.49 -20.14
N ILE B 48 -16.53 -9.62 -20.20
CA ILE B 48 -17.23 -10.91 -20.24
C ILE B 48 -18.17 -11.09 -19.04
N GLY B 49 -17.73 -10.69 -17.86
CA GLY B 49 -18.57 -10.81 -16.67
C GLY B 49 -19.67 -9.77 -16.56
N GLU B 50 -19.75 -8.86 -17.55
CA GLU B 50 -20.75 -7.79 -17.55
C GLU B 50 -20.54 -6.79 -16.42
N VAL B 51 -19.33 -6.79 -15.89
CA VAL B 51 -18.93 -5.80 -14.91
C VAL B 51 -18.66 -4.45 -15.61
N VAL B 52 -17.99 -4.51 -16.75
CA VAL B 52 -17.82 -3.38 -17.66
C VAL B 52 -18.86 -3.51 -18.75
N GLU B 53 -19.83 -2.60 -18.84
CA GLU B 53 -20.79 -2.69 -19.94
C GLU B 53 -20.70 -1.55 -20.93
N ASP B 54 -19.89 -0.56 -20.62
CA ASP B 54 -19.75 0.57 -21.50
C ASP B 54 -18.56 0.35 -22.42
N ARG B 55 -18.84 0.26 -23.73
CA ARG B 55 -17.79 -0.02 -24.70
CA ARG B 55 -17.81 0.03 -24.75
C ARG B 55 -16.60 0.96 -24.58
N ARG B 56 -16.86 2.19 -24.15
CA ARG B 56 -15.81 3.21 -24.06
C ARG B 56 -14.71 2.91 -23.05
N TYR B 57 -15.01 1.99 -22.14
CA TYR B 57 -14.02 1.49 -21.20
C TYR B 57 -13.22 0.34 -21.81
N ALA B 58 -13.81 -0.32 -22.80
CA ALA B 58 -13.14 -1.47 -23.42
C ALA B 58 -12.22 -1.04 -24.54
N LEU B 59 -12.43 0.19 -25.02
CA LEU B 59 -11.79 0.67 -26.23
C LEU B 59 -11.57 2.17 -26.16
N ALA B 60 -10.32 2.61 -25.96
CA ALA B 60 -10.02 4.02 -25.79
C ALA B 60 -10.15 4.85 -27.06
N TYR B 61 -9.82 4.25 -28.20
CA TYR B 61 -9.81 5.01 -29.44
C TYR B 61 -10.18 4.15 -30.64
N THR B 62 -10.63 4.82 -31.69
CA THR B 62 -10.65 4.28 -33.04
C THR B 62 -9.52 4.97 -33.79
N PRO B 63 -9.09 4.40 -34.94
CA PRO B 63 -8.07 5.09 -35.74
C PRO B 63 -8.49 6.49 -36.14
N GLU B 64 -9.77 6.68 -36.46
CA GLU B 64 -10.25 7.99 -36.89
C GLU B 64 -10.03 8.99 -35.77
N LYS B 65 -10.32 8.56 -34.54
CA LYS B 65 -10.20 9.44 -33.40
C LYS B 65 -8.75 9.68 -33.01
N PHE B 66 -7.92 8.66 -33.16
CA PHE B 66 -6.52 8.78 -32.80
C PHE B 66 -5.89 9.79 -33.74
N TYR B 67 -6.35 9.78 -34.99
CA TYR B 67 -5.78 10.69 -35.96
C TYR B 67 -6.22 12.10 -35.65
N ASP B 68 -7.51 12.24 -35.37
CA ASP B 68 -8.05 13.56 -35.13
C ASP B 68 -7.38 14.22 -33.95
N ARG B 69 -7.07 13.44 -32.92
CA ARG B 69 -6.49 14.02 -31.73
C ARG B 69 -4.99 14.14 -31.80
N LYS B 70 -4.34 13.15 -32.40
CA LYS B 70 -2.89 13.05 -32.25
C LYS B 70 -2.11 13.10 -33.56
N GLN B 71 -2.81 13.14 -34.69
CA GLN B 71 -2.15 13.18 -36.00
C GLN B 71 -1.24 11.98 -36.20
N ILE B 72 -1.69 10.85 -35.66
CA ILE B 72 -1.03 9.57 -35.83
C ILE B 72 -1.93 8.66 -36.66
N THR B 73 -1.36 8.12 -37.73
CA THR B 73 -2.11 7.28 -38.63
C THR B 73 -2.05 5.83 -38.20
N VAL B 74 -3.22 5.23 -38.00
CA VAL B 74 -3.25 3.85 -37.57
C VAL B 74 -4.00 3.02 -38.59
N LYS B 75 -3.32 2.01 -39.11
CA LYS B 75 -3.93 1.17 -40.13
C LYS B 75 -4.24 -0.21 -39.56
N THR B 76 -5.50 -0.41 -39.20
CA THR B 76 -5.97 -1.70 -38.71
C THR B 76 -6.15 -2.69 -39.85
N TYR B 77 -6.26 -3.97 -39.50
CA TYR B 77 -6.32 -5.05 -40.48
C TYR B 77 -5.14 -4.97 -41.44
N HIS B 78 -4.01 -4.49 -40.93
CA HIS B 78 -2.76 -4.49 -41.69
C HIS B 78 -1.73 -5.26 -40.87
N GLU B 79 -1.26 -6.36 -41.44
CA GLU B 79 -0.35 -7.25 -40.75
C GLU B 79 1.06 -7.09 -41.33
N VAL B 80 2.01 -6.72 -40.47
CA VAL B 80 3.39 -6.67 -40.91
C VAL B 80 3.93 -8.11 -41.04
N ILE B 81 4.38 -8.49 -42.24
CA ILE B 81 4.77 -9.87 -42.50
C ILE B 81 6.26 -10.10 -42.71
N ALA B 82 7.00 -9.00 -42.82
CA ALA B 82 8.46 -9.08 -42.83
C ALA B 82 9.07 -7.73 -42.51
N ILE B 83 10.29 -7.76 -41.97
CA ILE B 83 11.06 -6.57 -41.71
C ILE B 83 12.28 -6.60 -42.61
N ASN B 84 12.33 -5.66 -43.56
CA ASN B 84 13.41 -5.56 -44.52
C ASN B 84 14.42 -4.57 -43.99
N ASP B 85 15.16 -4.96 -42.95
CA ASP B 85 15.94 -3.99 -42.19
C ASP B 85 17.07 -3.35 -42.99
N GLU B 86 17.59 -4.06 -43.97
CA GLU B 86 18.68 -3.51 -44.78
C GLU B 86 18.21 -2.35 -45.66
N ARG B 87 16.93 -2.38 -46.05
CA ARG B 87 16.33 -1.35 -46.90
C ARG B 87 15.58 -0.31 -46.07
N GLN B 88 15.51 -0.55 -44.77
CA GLN B 88 14.68 0.25 -43.87
C GLN B 88 13.23 0.36 -44.32
N THR B 89 12.65 -0.80 -44.61
CA THR B 89 11.20 -0.89 -44.79
C THR B 89 10.64 -2.09 -44.09
N VAL B 90 9.32 -2.09 -43.94
CA VAL B 90 8.61 -3.26 -43.52
C VAL B 90 7.63 -3.66 -44.62
N SER B 91 7.39 -4.96 -44.75
CA SER B 91 6.40 -5.45 -45.70
C SER B 91 5.08 -5.65 -44.97
N VAL B 92 4.01 -5.10 -45.55
CA VAL B 92 2.73 -5.05 -44.88
C VAL B 92 1.66 -5.66 -45.73
N LEU B 93 0.83 -6.51 -45.12
CA LEU B 93 -0.30 -7.10 -45.82
C LEU B 93 -1.58 -6.39 -45.39
N ASN B 94 -2.21 -5.73 -46.34
CA ASN B 94 -3.52 -5.18 -46.13
C ASN B 94 -4.50 -6.36 -46.16
N ARG B 95 -5.03 -6.73 -45.00
CA ARG B 95 -5.87 -7.92 -44.92
C ARG B 95 -7.19 -7.78 -45.66
N LYS B 96 -7.60 -6.54 -45.91
CA LYS B 96 -8.89 -6.30 -46.53
C LYS B 96 -8.83 -6.52 -48.04
N THR B 97 -7.70 -6.17 -48.62
CA THR B 97 -7.56 -6.26 -50.06
C THR B 97 -6.71 -7.46 -50.42
N ASN B 98 -6.00 -7.98 -49.42
CA ASN B 98 -5.06 -9.07 -49.61
C ASN B 98 -3.88 -8.68 -50.53
N GLU B 99 -3.56 -7.39 -50.53
CA GLU B 99 -2.36 -6.86 -51.21
C GLU B 99 -1.30 -6.44 -50.21
N GLN B 100 -0.04 -6.70 -50.54
CA GLN B 100 1.04 -6.29 -49.67
C GLN B 100 1.82 -5.13 -50.25
N PHE B 101 2.40 -4.30 -49.38
CA PHE B 101 3.21 -3.19 -49.85
C PHE B 101 4.37 -2.98 -48.91
N GLU B 102 5.31 -2.14 -49.32
CA GLU B 102 6.45 -1.79 -48.48
C GLU B 102 6.22 -0.43 -47.82
N GLU B 103 6.49 -0.33 -46.52
CA GLU B 103 6.47 0.98 -45.88
C GLU B 103 7.84 1.35 -45.33
N SER B 104 8.37 2.50 -45.74
CA SER B 104 9.70 2.89 -45.26
C SER B 104 9.65 3.50 -43.86
N TYR B 105 10.78 3.43 -43.16
CA TYR B 105 10.89 4.04 -41.84
C TYR B 105 12.28 4.63 -41.60
N ASP B 106 12.32 5.63 -40.71
CA ASP B 106 13.56 6.09 -40.09
C ASP B 106 13.81 5.40 -38.75
N LYS B 107 12.74 5.20 -37.99
CA LYS B 107 12.80 4.49 -36.70
C LYS B 107 11.66 3.48 -36.72
N LEU B 108 11.92 2.27 -36.24
CA LEU B 108 10.89 1.25 -36.20
C LEU B 108 10.73 0.78 -34.77
N ILE B 109 9.48 0.73 -34.30
CA ILE B 109 9.20 0.27 -32.96
C ILE B 109 8.30 -0.95 -32.97
N LEU B 110 8.81 -2.05 -32.42
CA LEU B 110 8.09 -3.31 -32.41
C LEU B 110 7.39 -3.55 -31.09
N SER B 111 6.06 -3.56 -31.11
CA SER B 111 5.30 -3.94 -29.92
C SER B 111 4.17 -4.93 -30.28
N PRO B 112 4.54 -6.09 -30.86
CA PRO B 112 3.55 -7.06 -31.37
C PRO B 112 2.98 -7.98 -30.31
N GLY B 113 3.58 -7.99 -29.12
CA GLY B 113 3.05 -8.77 -28.02
C GLY B 113 3.03 -10.26 -28.28
N ALA B 114 2.02 -10.92 -27.73
CA ALA B 114 1.93 -12.38 -27.76
C ALA B 114 0.52 -12.80 -28.16
N SER B 115 0.41 -14.04 -28.67
CA SER B 115 -0.89 -14.62 -28.98
C SER B 115 -1.22 -15.72 -27.99
N ALA B 116 -2.51 -16.00 -27.80
CA ALA B 116 -2.90 -17.10 -26.94
C ALA B 116 -2.65 -18.45 -27.63
N ASN B 117 -2.16 -19.40 -26.86
CA ASN B 117 -2.02 -20.78 -27.32
C ASN B 117 -3.39 -21.40 -27.45
N SER B 118 -3.48 -22.44 -28.26
CA SER B 118 -4.72 -23.19 -28.32
C SER B 118 -4.40 -24.66 -28.15
N LEU B 119 -5.39 -25.42 -27.71
CA LEU B 119 -5.17 -26.84 -27.52
C LEU B 119 -5.27 -27.58 -28.84
N GLY B 120 -5.85 -26.93 -29.85
CA GLY B 120 -5.79 -27.46 -31.20
C GLY B 120 -6.98 -28.30 -31.62
N PHE B 121 -8.00 -28.35 -30.77
CA PHE B 121 -9.15 -29.14 -31.12
C PHE B 121 -9.91 -28.44 -32.22
N GLU B 122 -10.70 -29.22 -32.93
CA GLU B 122 -11.52 -28.63 -33.95
C GLU B 122 -12.88 -28.50 -33.32
N SER B 123 -13.15 -27.33 -32.78
CA SER B 123 -14.35 -27.17 -31.99
C SER B 123 -14.92 -25.78 -32.14
N ASP B 124 -16.21 -25.73 -32.38
CA ASP B 124 -16.91 -24.48 -32.55
C ASP B 124 -17.27 -23.82 -31.22
N ILE B 125 -17.08 -24.53 -30.12
CA ILE B 125 -17.51 -24.00 -28.83
C ILE B 125 -16.35 -23.55 -27.97
N THR B 126 -15.16 -23.52 -28.56
CA THR B 126 -13.96 -23.26 -27.79
C THR B 126 -13.38 -21.92 -28.20
N PHE B 127 -12.93 -21.14 -27.21
CA PHE B 127 -12.49 -19.78 -27.46
C PHE B 127 -11.23 -19.48 -26.65
N THR B 128 -10.43 -18.56 -27.18
CA THR B 128 -9.33 -17.98 -26.41
C THR B 128 -9.63 -16.50 -26.15
N LEU B 129 -8.89 -15.88 -25.23
CA LEU B 129 -9.14 -14.49 -24.84
C LEU B 129 -7.84 -13.68 -24.90
N ARG B 130 -7.74 -12.77 -25.86
CA ARG B 130 -6.54 -11.96 -26.01
C ARG B 130 -6.91 -10.55 -26.48
N ASN B 131 -7.98 -10.44 -27.25
CA ASN B 131 -8.39 -9.11 -27.70
C ASN B 131 -9.88 -8.87 -27.65
N LEU B 132 -10.28 -7.69 -28.11
CA LEU B 132 -11.68 -7.33 -28.08
C LEU B 132 -12.49 -8.10 -29.13
N GLU B 133 -11.87 -8.46 -30.27
CA GLU B 133 -12.50 -9.39 -31.22
C GLU B 133 -12.93 -10.65 -30.48
N ASP B 134 -12.00 -11.25 -29.75
CA ASP B 134 -12.26 -12.42 -28.91
C ASP B 134 -13.40 -12.19 -27.94
N THR B 135 -13.38 -11.04 -27.29
CA THR B 135 -14.32 -10.76 -26.24
C THR B 135 -15.73 -10.68 -26.78
N ASP B 136 -15.86 -10.00 -27.93
CA ASP B 136 -17.14 -9.89 -28.60
C ASP B 136 -17.65 -11.25 -29.06
N ALA B 137 -16.75 -12.09 -29.54
CA ALA B 137 -17.17 -13.41 -30.00
C ALA B 137 -17.71 -14.25 -28.84
N ILE B 138 -16.99 -14.22 -27.72
CA ILE B 138 -17.46 -14.91 -26.51
C ILE B 138 -18.81 -14.40 -26.02
N ASP B 139 -18.97 -13.08 -25.92
CA ASP B 139 -20.23 -12.53 -25.47
C ASP B 139 -21.38 -12.95 -26.40
N GLN B 140 -21.10 -12.96 -27.71
CA GLN B 140 -22.10 -13.32 -28.70
C GLN B 140 -22.44 -14.80 -28.67
N PHE B 141 -21.42 -15.61 -28.46
CA PHE B 141 -21.66 -17.03 -28.43
C PHE B 141 -22.53 -17.38 -27.21
N ILE B 142 -22.25 -16.72 -26.09
CA ILE B 142 -23.04 -16.92 -24.88
C ILE B 142 -24.53 -16.62 -25.11
N LYS B 143 -24.81 -15.53 -25.82
CA LYS B 143 -26.20 -15.16 -25.99
C LYS B 143 -26.90 -16.01 -27.02
N ALA B 144 -26.18 -16.34 -28.08
CA ALA B 144 -26.81 -17.03 -29.19
C ALA B 144 -27.17 -18.46 -28.80
N ASN B 145 -26.39 -19.04 -27.90
CA ASN B 145 -26.56 -20.44 -27.56
C ASN B 145 -27.02 -20.66 -26.14
N GLN B 146 -27.39 -19.57 -25.48
CA GLN B 146 -27.94 -19.63 -24.12
CA GLN B 146 -27.96 -19.65 -24.14
C GLN B 146 -27.06 -20.47 -23.20
N VAL B 147 -25.77 -20.14 -23.21
CA VAL B 147 -24.74 -20.85 -22.45
C VAL B 147 -24.97 -20.82 -20.93
N ASP B 148 -24.79 -21.99 -20.31
CA ASP B 148 -24.88 -22.13 -18.87
C ASP B 148 -23.57 -22.74 -18.36
N LYS B 149 -23.26 -23.94 -18.83
CA LYS B 149 -22.04 -24.63 -18.37
C LYS B 149 -20.84 -24.29 -19.22
N VAL B 150 -19.82 -23.75 -18.57
CA VAL B 150 -18.60 -23.41 -19.27
C VAL B 150 -17.41 -24.11 -18.66
N LEU B 151 -16.56 -24.64 -19.54
CA LEU B 151 -15.35 -25.27 -19.09
C LEU B 151 -14.20 -24.27 -19.21
N VAL B 152 -13.51 -24.02 -18.10
CA VAL B 152 -12.41 -23.11 -18.13
C VAL B 152 -11.11 -23.89 -17.98
N VAL B 153 -10.25 -23.76 -18.98
CA VAL B 153 -9.02 -24.53 -19.00
C VAL B 153 -7.82 -23.63 -18.66
N GLY B 154 -6.98 -24.11 -17.74
CA GLY B 154 -5.79 -23.36 -17.35
C GLY B 154 -6.03 -22.63 -16.05
N ALA B 155 -4.97 -22.25 -15.34
CA ALA B 155 -5.17 -21.66 -14.03
C ALA B 155 -4.25 -20.49 -13.73
N GLY B 156 -3.88 -19.76 -14.78
CA GLY B 156 -3.19 -18.50 -14.61
C GLY B 156 -4.18 -17.38 -14.36
N TYR B 157 -3.66 -16.16 -14.19
CA TYR B 157 -4.53 -15.03 -13.85
C TYR B 157 -5.61 -14.80 -14.91
N VAL B 158 -5.31 -15.00 -16.18
CA VAL B 158 -6.35 -14.86 -17.21
C VAL B 158 -7.53 -15.81 -17.00
N SER B 159 -7.23 -17.11 -16.89
CA SER B 159 -8.32 -18.07 -16.69
C SER B 159 -9.04 -17.80 -15.39
N LEU B 160 -8.29 -17.45 -14.35
CA LEU B 160 -8.90 -17.26 -13.04
C LEU B 160 -9.88 -16.08 -13.10
N GLU B 161 -9.46 -15.00 -13.75
CA GLU B 161 -10.33 -13.84 -13.88
C GLU B 161 -11.51 -14.15 -14.76
N VAL B 162 -11.28 -14.94 -15.80
CA VAL B 162 -12.37 -15.34 -16.66
C VAL B 162 -13.37 -16.15 -15.85
N LEU B 163 -12.87 -17.08 -15.04
CA LEU B 163 -13.74 -17.95 -14.25
C LEU B 163 -14.63 -17.11 -13.33
N GLU B 164 -14.01 -16.19 -12.61
CA GLU B 164 -14.73 -15.35 -11.65
C GLU B 164 -15.84 -14.59 -12.33
N ASN B 165 -15.52 -14.02 -13.49
CA ASN B 165 -16.48 -13.22 -14.23
C ASN B 165 -17.61 -14.03 -14.85
N LEU B 166 -17.31 -15.24 -15.30
CA LEU B 166 -18.35 -16.14 -15.79
C LEU B 166 -19.37 -16.45 -14.69
N TYR B 167 -18.85 -16.65 -13.48
CA TYR B 167 -19.69 -16.94 -12.33
C TYR B 167 -20.57 -15.74 -11.98
N GLU B 168 -19.96 -14.56 -11.87
CA GLU B 168 -20.74 -13.38 -11.54
C GLU B 168 -21.79 -13.05 -12.59
N ARG B 169 -21.53 -13.47 -13.83
CA ARG B 169 -22.47 -13.28 -14.93
C ARG B 169 -23.69 -14.20 -14.75
N GLY B 170 -23.56 -15.21 -13.89
CA GLY B 170 -24.65 -16.13 -13.66
C GLY B 170 -24.45 -17.47 -14.36
N LEU B 171 -23.27 -17.70 -14.93
CA LEU B 171 -23.02 -18.98 -15.58
C LEU B 171 -22.43 -19.98 -14.59
N HIS B 172 -22.22 -21.20 -15.07
CA HIS B 172 -21.71 -22.26 -14.21
C HIS B 172 -20.43 -22.82 -14.77
N PRO B 173 -19.30 -22.22 -14.38
CA PRO B 173 -17.97 -22.62 -14.84
C PRO B 173 -17.44 -23.80 -14.04
N THR B 174 -16.64 -24.63 -14.72
CA THR B 174 -15.82 -25.62 -14.06
C THR B 174 -14.37 -25.34 -14.48
N LEU B 175 -13.44 -25.46 -13.53
CA LEU B 175 -12.03 -25.21 -13.86
C LEU B 175 -11.23 -26.51 -13.90
N ILE B 176 -10.46 -26.70 -14.97
CA ILE B 176 -9.51 -27.79 -14.98
C ILE B 176 -8.12 -27.24 -15.28
N HIS B 177 -7.12 -27.96 -14.78
CA HIS B 177 -5.74 -27.64 -15.12
C HIS B 177 -4.90 -28.91 -15.16
N ARG B 178 -3.92 -28.92 -16.05
CA ARG B 178 -3.15 -30.13 -16.33
CA ARG B 178 -3.16 -30.13 -16.34
C ARG B 178 -2.30 -30.59 -15.15
N SER B 179 -2.08 -29.71 -14.19
CA SER B 179 -1.27 -30.07 -13.03
C SER B 179 -1.86 -29.38 -11.83
N ASP B 180 -1.17 -29.49 -10.69
CA ASP B 180 -1.67 -28.84 -9.49
C ASP B 180 -0.97 -27.50 -9.26
N LYS B 181 -0.17 -27.08 -10.23
CA LYS B 181 0.58 -25.84 -10.09
C LYS B 181 -0.19 -24.67 -10.67
N ILE B 182 -1.15 -24.18 -9.91
CA ILE B 182 -1.96 -23.08 -10.38
C ILE B 182 -1.28 -21.76 -10.02
N ASN B 183 -1.77 -20.68 -10.65
CA ASN B 183 -1.29 -19.32 -10.38
C ASN B 183 0.22 -19.26 -10.10
N LYS B 184 1.03 -19.63 -11.07
CA LYS B 184 2.41 -19.99 -10.78
C LYS B 184 3.38 -18.83 -10.58
N LEU B 185 2.93 -17.58 -10.75
CA LEU B 185 3.76 -16.46 -10.34
C LEU B 185 3.80 -16.39 -8.80
N MET B 186 2.82 -17.05 -8.14
CA MET B 186 2.75 -17.08 -6.67
C MET B 186 3.38 -18.35 -6.14
N ASP B 187 4.03 -18.26 -4.97
CA ASP B 187 4.55 -19.44 -4.31
C ASP B 187 3.46 -20.49 -4.26
N ALA B 188 3.81 -21.70 -4.67
CA ALA B 188 2.85 -22.78 -4.82
C ALA B 188 2.04 -23.07 -3.54
N ASP B 189 2.67 -22.89 -2.38
CA ASP B 189 1.98 -23.20 -1.13
C ASP B 189 1.13 -22.03 -0.61
N MET B 190 1.08 -20.93 -1.35
CA MET B 190 0.28 -19.77 -0.93
C MET B 190 -0.99 -19.60 -1.75
N ASN B 191 -1.27 -20.58 -2.62
CA ASN B 191 -2.45 -20.50 -3.50
C ASN B 191 -3.71 -21.22 -3.01
N GLN B 192 -3.64 -21.88 -1.86
CA GLN B 192 -4.82 -22.58 -1.33
C GLN B 192 -6.14 -21.75 -1.35
N PRO B 193 -6.04 -20.41 -1.08
CA PRO B 193 -7.32 -19.67 -1.09
C PRO B 193 -8.05 -19.68 -2.43
N ILE B 194 -7.33 -19.91 -3.52
CA ILE B 194 -8.01 -20.07 -4.80
C ILE B 194 -8.98 -21.25 -4.69
N LEU B 195 -8.46 -22.39 -4.23
CA LEU B 195 -9.31 -23.56 -4.10
C LEU B 195 -10.39 -23.36 -3.04
N ASP B 196 -10.08 -22.64 -1.96
CA ASP B 196 -11.09 -22.43 -0.93
C ASP B 196 -12.25 -21.60 -1.46
N GLU B 197 -11.96 -20.66 -2.36
CA GLU B 197 -12.99 -19.76 -2.89
C GLU B 197 -13.89 -20.49 -3.89
N LEU B 198 -13.29 -21.38 -4.67
CA LEU B 198 -14.05 -22.26 -5.55
C LEU B 198 -14.98 -23.14 -4.73
N ASP B 199 -14.41 -23.77 -3.71
CA ASP B 199 -15.17 -24.66 -2.84
C ASP B 199 -16.36 -23.98 -2.16
N LYS B 200 -16.11 -22.81 -1.58
CA LYS B 200 -17.13 -22.05 -0.85
C LYS B 200 -18.33 -21.73 -1.73
N ARG B 201 -18.06 -21.52 -3.01
CA ARG B 201 -19.11 -21.17 -3.95
C ARG B 201 -19.57 -22.37 -4.77
N GLU B 202 -19.10 -23.55 -4.38
CA GLU B 202 -19.48 -24.79 -5.05
C GLU B 202 -19.15 -24.78 -6.54
N ILE B 203 -18.00 -24.20 -6.90
CA ILE B 203 -17.50 -24.21 -8.26
C ILE B 203 -16.56 -25.39 -8.42
N PRO B 204 -16.93 -26.33 -9.31
CA PRO B 204 -16.14 -27.55 -9.44
C PRO B 204 -14.79 -27.26 -10.06
N TYR B 205 -13.79 -28.00 -9.63
CA TYR B 205 -12.52 -27.93 -10.31
C TYR B 205 -11.89 -29.31 -10.29
N ARG B 206 -11.04 -29.56 -11.28
CA ARG B 206 -10.24 -30.77 -11.28
C ARG B 206 -8.82 -30.43 -11.69
N LEU B 207 -7.87 -30.78 -10.85
CA LEU B 207 -6.46 -30.60 -11.19
C LEU B 207 -5.93 -31.91 -11.75
N ASN B 208 -4.76 -31.85 -12.38
CA ASN B 208 -4.21 -33.00 -13.09
C ASN B 208 -5.21 -33.55 -14.10
N GLU B 209 -5.89 -32.63 -14.76
CA GLU B 209 -6.98 -32.99 -15.65
C GLU B 209 -6.80 -32.26 -16.97
N GLU B 210 -7.17 -32.92 -18.07
CA GLU B 210 -7.06 -32.32 -19.39
C GLU B 210 -8.16 -32.82 -20.30
N ILE B 211 -8.41 -32.04 -21.34
CA ILE B 211 -9.31 -32.45 -22.40
C ILE B 211 -8.64 -33.52 -23.24
N ASN B 212 -9.37 -34.62 -23.43
CA ASN B 212 -8.85 -35.73 -24.17
C ASN B 212 -9.47 -35.78 -25.57
N ALA B 213 -10.77 -35.48 -25.64
CA ALA B 213 -11.47 -35.53 -26.92
C ALA B 213 -12.73 -34.68 -26.89
N ILE B 214 -13.10 -34.18 -28.07
CA ILE B 214 -14.28 -33.34 -28.17
C ILE B 214 -15.23 -33.78 -29.29
N ASN B 215 -16.51 -33.91 -28.93
CA ASN B 215 -17.54 -34.27 -29.89
C ASN B 215 -18.73 -33.35 -29.79
N GLY B 216 -18.75 -32.25 -30.53
CA GLY B 216 -19.80 -31.29 -30.29
C GLY B 216 -19.67 -30.81 -28.86
N ASN B 217 -20.73 -30.96 -28.06
CA ASN B 217 -20.70 -30.54 -26.67
C ASN B 217 -20.22 -31.61 -25.69
N GLU B 218 -19.98 -32.82 -26.21
CA GLU B 218 -19.54 -33.92 -25.35
C GLU B 218 -18.02 -33.92 -25.19
N ILE B 219 -17.57 -33.72 -23.97
CA ILE B 219 -16.15 -33.54 -23.73
C ILE B 219 -15.67 -34.75 -22.96
N THR B 220 -14.66 -35.42 -23.49
CA THR B 220 -14.08 -36.56 -22.81
C THR B 220 -12.72 -36.16 -22.25
N PHE B 221 -12.48 -36.50 -20.98
CA PHE B 221 -11.29 -36.03 -20.30
C PHE B 221 -10.28 -37.14 -20.05
N LYS B 222 -9.09 -36.72 -19.67
CA LYS B 222 -7.99 -37.62 -19.42
C LYS B 222 -8.30 -38.51 -18.22
N SER B 223 -9.09 -37.98 -17.30
CA SER B 223 -9.47 -38.72 -16.10
C SER B 223 -10.46 -39.83 -16.44
N GLY B 224 -10.97 -39.81 -17.67
CA GLY B 224 -11.98 -40.78 -18.07
C GLY B 224 -13.38 -40.21 -17.96
N LYS B 225 -13.52 -39.06 -17.31
CA LYS B 225 -14.82 -38.45 -17.16
C LYS B 225 -15.35 -37.99 -18.52
N VAL B 226 -16.68 -38.00 -18.65
CA VAL B 226 -17.33 -37.48 -19.83
C VAL B 226 -18.42 -36.53 -19.41
N GLU B 227 -18.39 -35.32 -19.94
CA GLU B 227 -19.33 -34.30 -19.51
C GLU B 227 -19.79 -33.48 -20.69
N HIS B 228 -20.92 -32.81 -20.52
CA HIS B 228 -21.43 -31.91 -21.54
C HIS B 228 -21.26 -30.46 -21.16
N TYR B 229 -20.67 -29.68 -22.07
CA TYR B 229 -20.49 -28.26 -21.83
C TYR B 229 -20.98 -27.46 -23.01
N ASP B 230 -21.43 -26.25 -22.72
CA ASP B 230 -21.94 -25.33 -23.72
C ASP B 230 -20.84 -24.55 -24.43
N MET B 231 -19.69 -24.44 -23.77
CA MET B 231 -18.62 -23.57 -24.24
C MET B 231 -17.33 -23.90 -23.51
N ILE B 232 -16.19 -23.59 -24.12
CA ILE B 232 -14.90 -23.81 -23.48
C ILE B 232 -14.06 -22.56 -23.69
N ILE B 233 -13.42 -22.07 -22.62
CA ILE B 233 -12.46 -21.00 -22.76
C ILE B 233 -11.10 -21.54 -22.37
N GLU B 234 -10.16 -21.57 -23.29
CA GLU B 234 -8.81 -22.08 -22.97
C GLU B 234 -7.82 -20.97 -22.69
N GLY B 235 -7.19 -21.08 -21.53
CA GLY B 235 -6.21 -20.10 -21.10
C GLY B 235 -4.94 -20.88 -20.82
N VAL B 236 -4.31 -21.36 -21.89
CA VAL B 236 -3.18 -22.25 -21.74
C VAL B 236 -1.84 -21.64 -22.18
N GLY B 237 -1.61 -20.40 -21.77
CA GLY B 237 -0.32 -19.78 -22.02
C GLY B 237 -0.34 -19.01 -23.33
N THR B 238 0.77 -18.32 -23.60
CA THR B 238 0.87 -17.49 -24.80
C THR B 238 2.17 -17.77 -25.50
N HIS B 239 2.29 -17.26 -26.73
CA HIS B 239 3.53 -17.35 -27.48
C HIS B 239 3.81 -16.03 -28.17
N PRO B 240 5.10 -15.67 -28.26
CA PRO B 240 5.47 -14.36 -28.80
C PRO B 240 5.09 -14.25 -30.27
N ASN B 241 4.62 -13.08 -30.66
CA ASN B 241 4.26 -12.80 -32.04
C ASN B 241 5.50 -12.41 -32.85
N SER B 242 6.41 -13.35 -33.08
CA SER B 242 7.70 -12.96 -33.66
C SER B 242 8.09 -13.70 -34.94
N LYS B 243 7.19 -14.53 -35.44
CA LYS B 243 7.49 -15.25 -36.68
C LYS B 243 7.85 -14.31 -37.80
N PHE B 244 7.17 -13.17 -37.85
CA PHE B 244 7.39 -12.21 -38.92
C PHE B 244 8.76 -11.52 -38.85
N ILE B 245 9.49 -11.74 -37.77
CA ILE B 245 10.76 -11.07 -37.53
C ILE B 245 11.92 -12.00 -37.92
N GLU B 246 11.63 -13.29 -38.02
CA GLU B 246 12.72 -14.28 -38.12
C GLU B 246 13.64 -14.09 -39.33
N SER B 247 13.11 -13.63 -40.45
CA SER B 247 13.94 -13.49 -41.65
C SER B 247 14.87 -12.29 -41.57
N SER B 248 14.58 -11.38 -40.66
CA SER B 248 15.35 -10.15 -40.55
C SER B 248 16.68 -10.37 -39.83
N ASN B 249 17.46 -9.31 -39.73
CA ASN B 249 18.70 -9.34 -38.96
C ASN B 249 18.53 -9.16 -37.44
N ILE B 250 17.29 -8.97 -37.01
CA ILE B 250 17.02 -8.78 -35.58
C ILE B 250 17.31 -10.04 -34.80
N LYS B 251 18.02 -9.92 -33.69
CA LYS B 251 18.38 -11.11 -32.94
C LYS B 251 17.23 -11.54 -32.04
N LEU B 252 16.82 -12.81 -32.17
CA LEU B 252 15.80 -13.38 -31.30
C LEU B 252 16.41 -14.47 -30.44
N ASP B 253 15.89 -14.64 -29.23
CA ASP B 253 16.35 -15.76 -28.42
C ASP B 253 15.66 -17.05 -28.87
N ARG B 254 16.05 -18.18 -28.29
CA ARG B 254 15.55 -19.48 -28.75
C ARG B 254 14.05 -19.64 -28.50
N LYS B 255 13.49 -18.75 -27.68
CA LYS B 255 12.06 -18.84 -27.40
C LYS B 255 11.24 -17.85 -28.21
N GLY B 256 11.91 -17.03 -29.02
CA GLY B 256 11.20 -16.17 -29.93
C GLY B 256 11.00 -14.75 -29.41
N PHE B 257 11.68 -14.41 -28.32
CA PHE B 257 11.59 -13.05 -27.79
C PHE B 257 12.78 -12.23 -28.25
N ILE B 258 12.73 -10.92 -28.06
CA ILE B 258 13.77 -10.03 -28.56
C ILE B 258 14.56 -9.40 -27.41
N PRO B 259 15.83 -9.80 -27.23
CA PRO B 259 16.64 -9.16 -26.19
C PRO B 259 16.86 -7.71 -26.53
N VAL B 260 16.78 -6.83 -25.55
CA VAL B 260 17.03 -5.41 -25.81
C VAL B 260 17.96 -4.83 -24.76
N ASN B 261 18.58 -3.70 -25.10
CA ASN B 261 19.37 -3.01 -24.10
C ASN B 261 18.49 -2.09 -23.26
N ASP B 262 19.13 -1.26 -22.43
CA ASP B 262 18.39 -0.43 -21.49
C ASP B 262 17.73 0.77 -22.18
N LYS B 263 17.97 0.91 -23.47
CA LYS B 263 17.28 1.92 -24.26
C LYS B 263 16.17 1.28 -25.10
N PHE B 264 15.90 0.01 -24.84
CA PHE B 264 14.95 -0.78 -25.64
C PHE B 264 15.32 -0.87 -27.11
N GLU B 265 16.63 -0.80 -27.38
CA GLU B 265 17.20 -1.04 -28.70
C GLU B 265 17.46 -2.52 -28.95
N THR B 266 17.13 -2.97 -30.16
CA THR B 266 17.57 -4.28 -30.60
C THR B 266 19.00 -4.15 -31.12
N ASN B 267 19.55 -5.26 -31.62
CA ASN B 267 20.87 -5.26 -32.23
C ASN B 267 20.97 -4.47 -33.54
N VAL B 268 19.82 -4.19 -34.15
CA VAL B 268 19.78 -3.45 -35.41
C VAL B 268 19.49 -1.97 -35.18
N PRO B 269 20.37 -1.09 -35.67
CA PRO B 269 20.21 0.36 -35.54
C PRO B 269 18.81 0.79 -35.91
N ASN B 270 18.25 1.72 -35.13
CA ASN B 270 16.98 2.35 -35.42
C ASN B 270 15.77 1.46 -35.22
N ILE B 271 15.99 0.26 -34.69
CA ILE B 271 14.87 -0.62 -34.38
C ILE B 271 14.78 -0.91 -32.90
N TYR B 272 13.62 -0.57 -32.31
CA TYR B 272 13.37 -0.81 -30.90
C TYR B 272 12.36 -1.92 -30.71
N ALA B 273 12.33 -2.50 -29.53
CA ALA B 273 11.28 -3.44 -29.20
C ALA B 273 10.86 -3.24 -27.77
N ILE B 274 9.55 -3.30 -27.52
CA ILE B 274 9.02 -3.09 -26.18
C ILE B 274 7.83 -4.01 -25.93
N GLY B 275 7.39 -4.04 -24.68
CA GLY B 275 6.24 -4.84 -24.31
C GLY B 275 6.59 -6.31 -24.16
N ASP B 276 5.58 -7.17 -24.28
CA ASP B 276 5.72 -8.60 -24.02
C ASP B 276 6.81 -9.27 -24.86
N ILE B 277 7.11 -8.68 -26.00
CA ILE B 277 8.05 -9.33 -26.90
C ILE B 277 9.50 -9.11 -26.46
N ALA B 278 9.72 -8.11 -25.60
CA ALA B 278 11.09 -7.73 -25.25
C ALA B 278 11.58 -8.44 -24.01
N THR B 279 12.87 -8.75 -23.98
CA THR B 279 13.46 -9.24 -22.74
C THR B 279 14.59 -8.34 -22.28
N SER B 280 14.76 -8.28 -20.97
CA SER B 280 15.71 -7.36 -20.37
C SER B 280 16.36 -8.05 -19.18
N HIS B 281 16.55 -7.32 -18.08
CA HIS B 281 17.16 -7.92 -16.90
C HIS B 281 16.42 -7.43 -15.67
N TYR B 282 16.63 -8.12 -14.55
CA TYR B 282 16.14 -7.62 -13.27
C TYR B 282 16.94 -6.40 -12.83
N ARG B 283 16.29 -5.55 -12.05
CA ARG B 283 16.92 -4.35 -11.51
C ARG B 283 17.81 -4.71 -10.33
N HIS B 284 17.38 -5.68 -9.53
CA HIS B 284 17.97 -5.90 -8.22
C HIS B 284 18.94 -7.07 -8.19
N VAL B 285 18.89 -7.89 -9.24
CA VAL B 285 19.89 -8.94 -9.40
C VAL B 285 20.36 -9.01 -10.85
N ASP B 286 21.53 -9.59 -11.03
CA ASP B 286 22.13 -9.71 -12.34
C ASP B 286 21.64 -10.95 -13.08
N LEU B 287 20.35 -10.96 -13.42
CA LEU B 287 19.76 -12.05 -14.17
C LEU B 287 18.84 -11.51 -15.23
N PRO B 288 18.63 -12.28 -16.30
CA PRO B 288 17.70 -11.89 -17.36
C PRO B 288 16.30 -11.88 -16.81
N ALA B 289 15.44 -11.03 -17.38
CA ALA B 289 14.05 -10.98 -16.96
C ALA B 289 13.13 -10.66 -18.12
N SER B 290 11.98 -11.32 -18.09
CA SER B 290 10.88 -11.01 -18.98
C SER B 290 9.66 -10.86 -18.10
N VAL B 291 9.02 -9.71 -18.20
CA VAL B 291 7.83 -9.45 -17.39
C VAL B 291 6.76 -8.90 -18.30
N PRO B 292 5.98 -9.83 -18.86
CA PRO B 292 5.01 -9.44 -19.88
C PRO B 292 3.74 -8.88 -19.25
N LEU B 293 3.83 -7.67 -18.74
CA LEU B 293 2.70 -7.06 -18.06
C LEU B 293 2.60 -5.60 -18.46
N ALA B 294 1.54 -4.94 -18.01
CA ALA B 294 1.23 -3.61 -18.50
C ALA B 294 2.19 -2.53 -18.06
N TRP B 295 2.67 -2.61 -16.82
CA TRP B 295 3.59 -1.59 -16.35
C TRP B 295 4.80 -1.51 -17.27
N GLY B 296 5.34 -2.68 -17.63
CA GLY B 296 6.54 -2.74 -18.43
C GLY B 296 6.32 -2.18 -19.83
N ALA B 297 5.15 -2.44 -20.39
CA ALA B 297 4.81 -1.93 -21.71
C ALA B 297 4.75 -0.40 -21.67
N HIS B 298 4.09 0.15 -20.66
CA HIS B 298 3.98 1.61 -20.58
C HIS B 298 5.28 2.29 -20.25
N ARG B 299 6.07 1.69 -19.36
CA ARG B 299 7.34 2.30 -18.99
C ARG B 299 8.31 2.32 -20.17
N ALA B 300 8.41 1.18 -20.86
CA ALA B 300 9.27 1.10 -22.05
C ALA B 300 8.80 2.08 -23.13
N ALA B 301 7.49 2.22 -23.27
CA ALA B 301 6.96 3.13 -24.28
C ALA B 301 7.45 4.55 -24.00
N SER B 302 7.41 4.94 -22.73
CA SER B 302 7.92 6.26 -22.32
C SER B 302 9.42 6.43 -22.55
N ILE B 303 10.19 5.39 -22.22
CA ILE B 303 11.64 5.45 -22.41
C ILE B 303 12.00 5.54 -23.89
N VAL B 304 11.29 4.78 -24.71
CA VAL B 304 11.57 4.81 -26.14
C VAL B 304 11.24 6.16 -26.74
N ALA B 305 10.11 6.72 -26.31
CA ALA B 305 9.75 8.06 -26.76
C ALA B 305 10.82 9.10 -26.40
N GLU B 306 11.38 8.99 -25.19
CA GLU B 306 12.47 9.89 -24.80
C GLU B 306 13.72 9.65 -25.66
N GLN B 307 14.02 8.38 -25.91
CA GLN B 307 15.16 8.03 -26.75
C GLN B 307 15.04 8.66 -28.14
N ILE B 308 13.85 8.61 -28.69
CA ILE B 308 13.66 9.06 -30.06
C ILE B 308 13.50 10.57 -30.13
N ALA B 309 12.73 11.12 -29.21
CA ALA B 309 12.31 12.52 -29.35
C ALA B 309 12.55 13.36 -28.12
N GLY B 310 13.12 12.78 -27.08
CA GLY B 310 13.32 13.52 -25.85
C GLY B 310 14.72 13.41 -25.31
N ASN B 311 14.79 13.18 -24.01
CA ASN B 311 16.06 13.12 -23.33
C ASN B 311 16.64 11.75 -23.41
N ASP B 312 17.65 11.57 -24.24
CA ASP B 312 18.11 10.21 -24.40
C ASP B 312 19.06 9.71 -23.31
N THR B 313 19.21 10.45 -22.21
CA THR B 313 19.93 9.90 -21.06
C THR B 313 19.01 9.02 -20.23
N ILE B 314 17.71 9.11 -20.50
CA ILE B 314 16.77 8.28 -19.75
C ILE B 314 16.83 6.84 -20.24
N GLU B 315 17.23 5.93 -19.34
CA GLU B 315 17.32 4.51 -19.66
C GLU B 315 16.64 3.65 -18.60
N PHE B 316 16.32 2.42 -19.00
CA PHE B 316 15.68 1.44 -18.13
C PHE B 316 16.70 0.96 -17.10
N LYS B 317 16.23 0.65 -15.90
CA LYS B 317 17.12 0.11 -14.89
C LYS B 317 16.80 -1.33 -14.53
N GLY B 318 15.92 -1.96 -15.31
CA GLY B 318 15.60 -3.36 -15.13
C GLY B 318 14.22 -3.59 -14.51
N PHE B 319 13.77 -4.84 -14.53
CA PHE B 319 12.47 -5.21 -13.98
C PHE B 319 12.57 -5.68 -12.54
N LEU B 320 11.49 -5.52 -11.78
CA LEU B 320 11.39 -6.18 -10.48
C LEU B 320 10.37 -7.33 -10.54
N GLY B 321 9.46 -7.26 -11.50
CA GLY B 321 8.48 -8.33 -11.71
C GLY B 321 7.26 -8.27 -10.79
N ASN B 322 6.84 -7.05 -10.44
CA ASN B 322 5.70 -6.86 -9.56
C ASN B 322 4.42 -7.28 -10.27
N ASN B 323 3.62 -8.12 -9.62
CA ASN B 323 2.42 -8.62 -10.25
C ASN B 323 1.36 -8.93 -9.22
N ILE B 324 0.10 -8.93 -9.66
CA ILE B 324 -1.00 -9.06 -8.73
C ILE B 324 -2.25 -9.58 -9.43
N VAL B 325 -3.03 -10.39 -8.72
CA VAL B 325 -4.32 -10.79 -9.26
C VAL B 325 -5.34 -10.89 -8.14
N LYS B 326 -6.57 -10.52 -8.47
CA LYS B 326 -7.71 -10.70 -7.58
C LYS B 326 -8.44 -11.97 -7.99
N PHE B 327 -8.84 -12.76 -7.00
CA PHE B 327 -9.72 -13.88 -7.27
C PHE B 327 -10.75 -13.92 -6.17
N PHE B 328 -11.98 -13.58 -6.51
CA PHE B 328 -13.05 -13.46 -5.54
C PHE B 328 -12.60 -12.57 -4.37
N ASP B 329 -12.59 -13.07 -3.13
CA ASP B 329 -12.25 -12.17 -2.01
C ASP B 329 -10.75 -11.94 -1.77
N TYR B 330 -9.89 -12.68 -2.47
CA TYR B 330 -8.46 -12.63 -2.18
C TYR B 330 -7.63 -11.90 -3.19
N THR B 331 -6.47 -11.44 -2.72
CA THR B 331 -5.52 -10.74 -3.56
C THR B 331 -4.24 -11.56 -3.47
N PHE B 332 -3.59 -11.80 -4.60
CA PHE B 332 -2.35 -12.57 -4.64
C PHE B 332 -1.29 -11.72 -5.30
N ALA B 333 -0.25 -11.36 -4.55
CA ALA B 333 0.76 -10.48 -5.11
C ALA B 333 2.19 -10.93 -4.83
N SER B 334 3.05 -10.66 -5.82
CA SER B 334 4.46 -11.00 -5.67
C SER B 334 5.37 -10.05 -6.44
N VAL B 335 6.62 -10.01 -6.01
CA VAL B 335 7.59 -9.13 -6.63
C VAL B 335 8.98 -9.75 -6.47
N GLY B 336 9.82 -9.59 -7.50
CA GLY B 336 11.16 -10.12 -7.44
C GLY B 336 11.36 -11.34 -8.33
N VAL B 337 12.44 -12.08 -8.08
CA VAL B 337 12.70 -13.28 -8.89
C VAL B 337 11.57 -14.27 -8.73
N LYS B 338 11.40 -15.10 -9.76
CA LYS B 338 10.36 -16.11 -9.79
C LYS B 338 10.77 -17.23 -8.86
N PRO B 339 9.79 -18.04 -8.43
CA PRO B 339 10.13 -19.13 -7.51
C PRO B 339 11.25 -19.98 -8.09
N ASN B 340 11.17 -20.27 -9.38
CA ASN B 340 12.16 -21.18 -9.95
C ASN B 340 13.56 -20.55 -10.08
N GLU B 341 13.67 -19.25 -9.82
CA GLU B 341 14.95 -18.54 -9.95
C GLU B 341 15.69 -18.41 -8.61
N LEU B 342 14.96 -18.67 -7.52
CA LEU B 342 15.54 -18.61 -6.20
C LEU B 342 16.78 -19.51 -6.07
N LYS B 343 16.77 -20.66 -6.77
CA LYS B 343 17.88 -21.60 -6.63
C LYS B 343 19.23 -21.08 -7.13
N GLN B 344 19.23 -19.96 -7.85
CA GLN B 344 20.52 -19.43 -8.27
C GLN B 344 21.16 -18.61 -7.18
N PHE B 345 20.50 -18.53 -6.02
CA PHE B 345 21.04 -17.81 -4.87
C PHE B 345 21.08 -18.70 -3.64
N ASP B 346 22.01 -18.43 -2.74
CA ASP B 346 21.92 -18.97 -1.39
C ASP B 346 20.93 -18.06 -0.66
N TYR B 347 19.77 -18.58 -0.28
CA TYR B 347 18.76 -17.70 0.27
C TYR B 347 18.16 -18.22 1.56
N LYS B 348 17.46 -17.34 2.27
CA LYS B 348 16.65 -17.74 3.41
C LYS B 348 15.29 -17.09 3.28
N MET B 349 14.33 -17.64 4.00
CA MET B 349 12.97 -17.15 3.91
C MET B 349 12.46 -16.79 5.29
N VAL B 350 11.68 -15.71 5.36
CA VAL B 350 11.02 -15.29 6.60
C VAL B 350 9.57 -15.02 6.24
N GLU B 351 8.66 -15.29 7.16
CA GLU B 351 7.26 -15.02 6.86
C GLU B 351 6.48 -14.66 8.10
N VAL B 352 5.38 -13.93 7.86
CA VAL B 352 4.47 -13.55 8.93
C VAL B 352 3.05 -13.61 8.43
N THR B 353 2.18 -14.05 9.33
CA THR B 353 0.77 -13.99 9.05
C THR B 353 0.12 -13.21 10.17
N GLN B 354 -0.66 -12.22 9.80
CA GLN B 354 -1.18 -11.33 10.79
C GLN B 354 -2.34 -10.60 10.18
N GLY B 355 -3.22 -10.05 11.01
CA GLY B 355 -4.32 -9.25 10.51
C GLY B 355 -3.72 -8.11 9.69
N ALA B 356 -4.40 -7.78 8.60
CA ALA B 356 -4.02 -6.65 7.76
C ALA B 356 -4.06 -5.38 8.59
N HIS B 357 -4.95 -5.35 9.57
CA HIS B 357 -5.09 -4.19 10.43
C HIS B 357 -5.47 -4.61 11.83
N ALA B 358 -6.06 -3.68 12.58
CA ALA B 358 -6.47 -3.95 13.96
C ALA B 358 -7.50 -5.08 14.03
N ASN B 359 -7.20 -6.07 14.85
CA ASN B 359 -8.10 -7.20 15.08
C ASN B 359 -9.45 -6.71 15.56
N TYR B 360 -9.42 -5.71 16.44
CA TYR B 360 -10.63 -5.14 17.01
C TYR B 360 -11.47 -4.45 15.98
N TYR B 361 -10.78 -3.74 15.10
CA TYR B 361 -11.50 -2.97 14.14
C TYR B 361 -12.08 -4.08 13.29
N PRO B 362 -13.33 -3.90 12.86
CA PRO B 362 -14.09 -4.64 11.87
C PRO B 362 -13.23 -5.21 10.79
N GLY B 363 -13.70 -6.32 10.23
CA GLY B 363 -13.36 -6.70 8.88
C GLY B 363 -11.94 -7.17 8.67
N ASN B 364 -11.30 -7.63 9.73
CA ASN B 364 -9.95 -8.12 9.59
C ASN B 364 -9.92 -9.44 8.84
N SER B 365 -8.75 -9.75 8.34
CA SER B 365 -8.53 -10.95 7.59
C SER B 365 -7.06 -11.13 7.70
N PRO B 366 -6.62 -12.37 7.85
CA PRO B 366 -5.18 -12.58 8.01
C PRO B 366 -4.50 -12.36 6.68
N LEU B 367 -3.35 -11.74 6.76
CA LEU B 367 -2.55 -11.44 5.60
C LEU B 367 -1.25 -12.21 5.78
N HIS B 368 -0.89 -12.98 4.77
CA HIS B 368 0.36 -13.73 4.84
C HIS B 368 1.40 -13.05 3.99
N LEU B 369 2.52 -12.69 4.61
CA LEU B 369 3.61 -12.02 3.92
C LEU B 369 4.90 -12.84 4.03
N ARG B 370 5.52 -13.09 2.90
CA ARG B 370 6.73 -13.92 2.84
C ARG B 370 7.82 -13.17 2.08
N VAL B 371 9.04 -13.23 2.61
CA VAL B 371 10.17 -12.51 2.01
C VAL B 371 11.38 -13.41 1.95
N TYR B 372 11.98 -13.52 0.76
CA TYR B 372 13.22 -14.27 0.59
C TYR B 372 14.38 -13.32 0.44
N TYR B 373 15.48 -13.63 1.12
CA TYR B 373 16.66 -12.79 1.02
C TYR B 373 17.93 -13.58 0.76
N ASP B 374 18.90 -12.88 0.18
CA ASP B 374 20.20 -13.41 -0.18
C ASP B 374 21.07 -13.46 1.08
N THR B 375 21.61 -14.62 1.42
CA THR B 375 22.41 -14.73 2.64
C THR B 375 23.74 -13.99 2.50
N SER B 376 24.20 -13.82 1.27
CA SER B 376 25.51 -13.21 1.05
C SER B 376 25.54 -11.72 1.37
N ASN B 377 24.43 -11.02 1.20
CA ASN B 377 24.43 -9.57 1.33
C ASN B 377 23.17 -9.01 1.98
N ARG B 378 22.29 -9.93 2.37
CA ARG B 378 21.03 -9.62 3.07
C ARG B 378 20.04 -8.85 2.19
N GLN B 379 20.26 -8.81 0.88
CA GLN B 379 19.36 -8.12 -0.02
CA GLN B 379 19.35 -8.10 -0.01
C GLN B 379 18.09 -8.92 -0.27
N ILE B 380 16.98 -8.22 -0.40
CA ILE B 380 15.69 -8.86 -0.66
C ILE B 380 15.62 -9.38 -2.10
N LEU B 381 15.22 -10.64 -2.25
CA LEU B 381 15.19 -11.30 -3.55
C LEU B 381 13.78 -11.43 -4.11
N ARG B 382 12.82 -11.70 -3.23
CA ARG B 382 11.45 -11.95 -3.64
C ARG B 382 10.54 -11.72 -2.46
N ALA B 383 9.33 -11.22 -2.73
CA ALA B 383 8.30 -11.13 -1.69
C ALA B 383 6.97 -11.56 -2.26
N ALA B 384 6.11 -12.07 -1.40
CA ALA B 384 4.81 -12.54 -1.85
C ALA B 384 3.83 -12.33 -0.72
N ALA B 385 2.61 -11.90 -1.09
CA ALA B 385 1.60 -11.69 -0.09
C ALA B 385 0.24 -12.11 -0.60
N VAL B 386 -0.52 -12.76 0.28
CA VAL B 386 -1.85 -13.22 -0.06
C VAL B 386 -2.75 -12.92 1.11
N GLY B 387 -3.90 -12.32 0.84
CA GLY B 387 -4.86 -12.08 1.91
C GLY B 387 -6.05 -11.36 1.33
N LYS B 388 -7.14 -11.31 2.08
CA LYS B 388 -8.29 -10.58 1.60
C LYS B 388 -8.02 -9.08 1.63
N GLU B 389 -7.03 -8.67 2.42
CA GLU B 389 -6.80 -7.25 2.59
C GLU B 389 -5.33 -6.89 2.85
N GLY B 390 -4.89 -5.75 2.30
CA GLY B 390 -3.57 -5.23 2.60
C GLY B 390 -2.39 -5.77 1.80
N ALA B 391 -2.63 -6.76 0.94
CA ALA B 391 -1.56 -7.38 0.17
C ALA B 391 -0.93 -6.46 -0.89
N ASP B 392 -1.77 -5.74 -1.64
CA ASP B 392 -1.23 -4.82 -2.65
C ASP B 392 -0.33 -3.75 -2.00
N LYS B 393 -0.75 -3.29 -0.83
CA LYS B 393 0.03 -2.31 -0.10
C LYS B 393 1.42 -2.83 0.28
N ARG B 394 1.49 -4.02 0.88
CA ARG B 394 2.80 -4.51 1.35
C ARG B 394 3.70 -4.83 0.16
N ILE B 395 3.13 -5.34 -0.93
CA ILE B 395 3.98 -5.66 -2.08
C ILE B 395 4.51 -4.41 -2.79
N ASP B 396 3.68 -3.38 -2.91
CA ASP B 396 4.18 -2.11 -3.47
C ASP B 396 5.29 -1.50 -2.60
N VAL B 397 5.14 -1.57 -1.28
CA VAL B 397 6.20 -1.07 -0.39
C VAL B 397 7.48 -1.85 -0.61
N LEU B 398 7.34 -3.17 -0.73
CA LEU B 398 8.51 -4.00 -0.92
C LEU B 398 9.13 -3.82 -2.30
N SER B 399 8.29 -3.55 -3.30
CA SER B 399 8.79 -3.15 -4.62
C SER B 399 9.69 -1.92 -4.52
N MET B 400 9.19 -0.89 -3.83
CA MET B 400 9.97 0.33 -3.65
C MET B 400 11.26 0.06 -2.84
N ALA B 401 11.18 -0.87 -1.89
CA ALA B 401 12.35 -1.20 -1.09
C ALA B 401 13.40 -1.86 -1.96
N MET B 402 12.95 -2.74 -2.85
CA MET B 402 13.88 -3.49 -3.68
C MET B 402 14.54 -2.56 -4.71
N MET B 403 13.80 -1.53 -5.09
CA MET B 403 14.32 -0.50 -5.98
C MET B 403 15.53 0.19 -5.37
N ASN B 404 15.47 0.40 -4.06
CA ASN B 404 16.52 1.11 -3.37
C ASN B 404 17.52 0.21 -2.70
N GLN B 405 17.51 -1.05 -3.13
CA GLN B 405 18.48 -2.04 -2.65
CA GLN B 405 18.46 -2.05 -2.65
C GLN B 405 18.44 -2.26 -1.15
N LEU B 406 17.24 -2.28 -0.58
CA LEU B 406 17.16 -2.42 0.86
C LEU B 406 17.56 -3.82 1.31
N THR B 407 18.12 -3.91 2.52
CA THR B 407 18.33 -5.23 3.11
C THR B 407 17.12 -5.61 3.90
N VAL B 408 16.97 -6.90 4.15
CA VAL B 408 15.83 -7.40 4.86
C VAL B 408 15.83 -6.83 6.29
N ASP B 409 17.02 -6.56 6.81
CA ASP B 409 17.17 -6.11 8.18
C ASP B 409 16.69 -4.66 8.30
N GLU B 410 16.88 -3.89 7.23
CA GLU B 410 16.41 -2.51 7.19
C GLU B 410 14.89 -2.38 7.18
N LEU B 411 14.16 -3.48 6.96
CA LEU B 411 12.71 -3.41 7.01
C LEU B 411 12.19 -3.04 8.41
N THR B 412 13.02 -3.24 9.44
CA THR B 412 12.65 -2.80 10.79
C THR B 412 12.48 -1.28 10.87
N GLU B 413 13.08 -0.57 9.91
CA GLU B 413 13.13 0.90 9.95
C GLU B 413 12.01 1.54 9.14
N PHE B 414 11.27 0.71 8.42
CA PHE B 414 10.16 1.21 7.62
C PHE B 414 9.11 1.87 8.51
N GLU B 415 8.88 3.16 8.27
CA GLU B 415 7.94 3.90 9.09
C GLU B 415 6.56 3.86 8.47
N VAL B 416 5.73 3.00 9.03
CA VAL B 416 4.42 2.73 8.49
C VAL B 416 3.42 3.80 8.93
N ALA B 417 2.39 3.98 8.12
CA ALA B 417 1.29 4.85 8.48
C ALA B 417 0.31 4.03 9.33
N TYR B 418 0.26 4.31 10.63
CA TYR B 418 -0.57 3.52 11.53
C TYR B 418 -1.78 4.23 12.15
N ALA B 419 -2.93 3.58 11.97
CA ALA B 419 -4.11 3.78 12.78
C ALA B 419 -4.83 2.43 12.66
N PRO B 420 -5.77 2.15 13.58
CA PRO B 420 -6.36 0.79 13.61
C PRO B 420 -6.95 0.26 12.29
N PRO B 421 -7.55 1.12 11.45
CA PRO B 421 -8.07 0.54 10.21
C PRO B 421 -7.03 0.11 9.17
N TYR B 422 -5.74 0.41 9.37
CA TYR B 422 -4.78 0.31 8.26
C TYR B 422 -3.62 -0.65 8.45
N SER B 423 -3.16 -0.79 9.70
CA SER B 423 -1.96 -1.59 9.95
C SER B 423 -1.77 -1.85 11.44
N HIS B 424 -0.49 -1.88 11.85
CA HIS B 424 -0.07 -2.14 13.22
C HIS B 424 1.09 -1.24 13.52
N PRO B 425 1.35 -1.01 14.82
CA PRO B 425 2.51 -0.20 15.20
C PRO B 425 3.81 -0.82 14.72
N LYS B 426 3.95 -2.14 14.81
CA LYS B 426 4.99 -2.82 14.06
C LYS B 426 4.29 -3.57 12.93
N ASP B 427 4.44 -3.08 11.70
CA ASP B 427 3.70 -3.70 10.60
C ASP B 427 4.29 -5.06 10.25
N LEU B 428 3.54 -5.82 9.45
CA LEU B 428 4.04 -7.06 8.89
C LEU B 428 5.40 -6.86 8.25
N ILE B 429 5.57 -5.74 7.53
CA ILE B 429 6.86 -5.46 6.92
C ILE B 429 7.96 -5.32 7.98
N ASN B 430 7.63 -4.61 9.05
CA ASN B 430 8.56 -4.48 10.16
C ASN B 430 8.85 -5.84 10.81
N MET B 431 7.82 -6.65 10.98
CA MET B 431 8.01 -7.96 11.60
CA MET B 431 8.01 -7.96 11.61
C MET B 431 8.91 -8.87 10.79
N ILE B 432 8.88 -8.71 9.47
CA ILE B 432 9.79 -9.47 8.63
C ILE B 432 11.23 -9.13 9.00
N GLY B 433 11.51 -7.84 9.17
CA GLY B 433 12.85 -7.40 9.55
C GLY B 433 13.27 -7.95 10.91
N TYR B 434 12.38 -7.85 11.90
CA TYR B 434 12.72 -8.36 13.23
C TYR B 434 12.95 -9.87 13.22
N LYS B 435 12.12 -10.61 12.48
CA LYS B 435 12.25 -12.07 12.46
C LYS B 435 13.47 -12.56 11.68
N ALA B 436 14.04 -11.69 10.84
CA ALA B 436 15.24 -12.06 10.10
C ALA B 436 16.52 -12.01 10.95
N LYS B 437 16.43 -11.45 12.16
CA LYS B 437 17.56 -11.43 13.09
C LYS B 437 18.12 -12.83 13.41
#